data_2II1
#
_entry.id   2II1
#
_cell.length_a   43.759
_cell.length_b   69.605
_cell.length_c   94.984
_cell.angle_alpha   73.95
_cell.angle_beta   88.91
_cell.angle_gamma   86.63
#
_symmetry.space_group_name_H-M   'P 1'
#
loop_
_entity.id
_entity.type
_entity.pdbx_description
1 polymer Acetamidase
2 non-polymer 'CALCIUM ION'
3 water water
#
_entity_poly.entity_id   1
_entity_poly.type   'polypeptide(L)'
_entity_poly.pdbx_seq_one_letter_code
;G(MSE)IRLSNENTIFF(MSE)DKENVPIASCQSGDTVIFETKDCFSDQITNEEQALTSIDFNRVNPATGPLYVEGARRG
D(MSE)LEIEILDIKVGKQGV(MSE)TAAPGLGALGESLNSPTTKLFPIEGDDVVYSTGLRLPLQP(MSE)IGVIGTAPP
GEPINNGTPGPHGGNLDTKDIKPGTTVYLPVEVDGALLALGDLHAA(MSE)GDGEILICGVEIAGTVTLKVNVKKER
(MSE)FPLPALKTDTHF(MSE)TIASAETLDAAAVQATKN(MSE)ATFLANRTALSIEEAG(MSE)LLSGAGDLYVSQIV
NPLKTARFSLALHYFEKLGVDLCN
;
_entity_poly.pdbx_strand_id   A,B,C,D
#
# COMPACT_ATOMS: atom_id res chain seq x y z
N GLY A 1 47.99 -16.93 6.54
CA GLY A 1 47.10 -17.46 5.44
C GLY A 1 46.47 -16.34 4.61
N ILE A 3 46.15 -12.88 3.97
CA ILE A 3 46.28 -11.67 4.77
C ILE A 3 45.81 -11.95 6.23
N ARG A 4 46.62 -11.60 7.23
CA ARG A 4 46.27 -11.83 8.63
C ARG A 4 46.25 -10.53 9.47
N LEU A 5 45.12 -10.30 10.15
CA LEU A 5 44.91 -9.15 11.03
C LEU A 5 44.88 -9.59 12.51
N SER A 6 45.71 -8.97 13.34
CA SER A 6 45.77 -9.30 14.77
C SER A 6 44.74 -8.50 15.54
N ASN A 7 44.44 -8.95 16.76
CA ASN A 7 43.39 -8.36 17.57
C ASN A 7 43.87 -7.11 18.29
N GLU A 8 45.12 -6.72 18.00
CA GLU A 8 45.70 -5.50 18.54
C GLU A 8 45.16 -4.28 17.86
N ASN A 9 44.62 -4.47 16.65
CA ASN A 9 44.11 -3.40 15.81
C ASN A 9 42.59 -3.43 15.80
N THR A 10 41.96 -2.76 16.76
CA THR A 10 40.51 -2.85 16.90
C THR A 10 39.88 -1.46 16.82
N ILE A 11 38.66 -1.42 16.29
CA ILE A 11 37.84 -0.21 16.22
C ILE A 11 36.52 -0.42 16.99
N PHE A 12 35.93 0.65 17.49
CA PHE A 12 34.67 0.58 18.24
C PHE A 12 33.52 1.20 17.50
N PHE A 13 33.83 1.83 16.36
CA PHE A 13 32.82 2.46 15.51
C PHE A 13 33.11 2.09 14.07
N ASP A 15 33.26 3.47 10.76
CA ASP A 15 33.58 4.85 10.46
C ASP A 15 34.47 4.90 9.21
N LYS A 16 34.00 5.65 8.22
CA LYS A 16 34.69 5.87 6.96
C LYS A 16 36.06 6.53 7.17
N GLU A 17 36.29 7.09 8.36
CA GLU A 17 37.52 7.81 8.69
C GLU A 17 38.53 6.97 9.44
N ASN A 18 38.17 5.76 9.82
CA ASN A 18 39.13 4.81 10.39
C ASN A 18 40.17 4.43 9.34
N VAL A 19 41.45 4.45 9.70
CA VAL A 19 42.51 4.19 8.74
C VAL A 19 42.65 2.67 8.58
N PRO A 20 42.71 2.17 7.33
CA PRO A 20 42.85 0.72 7.16
C PRO A 20 44.12 0.15 7.81
N ILE A 21 43.98 -0.97 8.51
CA ILE A 21 45.14 -1.68 9.09
C ILE A 21 45.74 -2.64 8.05
N ALA A 22 45.06 -2.79 6.92
CA ALA A 22 45.46 -3.78 5.94
C ALA A 22 44.65 -3.64 4.67
N SER A 23 45.20 -4.18 3.60
CA SER A 23 44.59 -4.16 2.28
C SER A 23 44.62 -5.54 1.73
N CYS A 24 43.63 -5.84 0.86
CA CYS A 24 43.64 -7.03 0.03
C CYS A 24 43.09 -6.76 -1.36
N GLN A 25 43.19 -7.77 -2.23
CA GLN A 25 42.54 -7.75 -3.53
C GLN A 25 41.29 -8.59 -3.41
N SER A 26 40.36 -8.40 -4.34
CA SER A 26 39.21 -9.29 -4.48
C SER A 26 39.70 -10.74 -4.62
N GLY A 27 39.10 -11.63 -3.84
CA GLY A 27 39.36 -13.06 -3.89
C GLY A 27 40.40 -13.54 -2.89
N ASP A 28 41.02 -12.62 -2.18
CA ASP A 28 42.00 -13.00 -1.17
C ASP A 28 41.35 -13.67 0.03
N THR A 29 42.09 -14.60 0.63
CA THR A 29 41.76 -15.15 1.95
C THR A 29 42.26 -14.19 3.01
N VAL A 30 41.37 -13.81 3.94
CA VAL A 30 41.70 -12.88 5.04
C VAL A 30 41.40 -13.53 6.38
N ILE A 31 42.34 -13.43 7.31
CA ILE A 31 42.16 -14.03 8.66
C ILE A 31 42.07 -12.90 9.70
N PHE A 32 40.98 -12.89 10.49
CA PHE A 32 40.73 -11.84 11.48
C PHE A 32 40.86 -12.51 12.83
N GLU A 33 41.82 -12.09 13.64
CA GLU A 33 41.86 -12.46 15.07
C GLU A 33 41.02 -11.46 15.86
N THR A 34 40.17 -11.95 16.76
CA THR A 34 39.19 -11.10 17.46
C THR A 34 39.31 -11.19 19.00
N LYS A 35 38.96 -10.11 19.68
CA LYS A 35 38.77 -10.21 21.14
C LYS A 35 37.27 -10.42 21.38
N ASP A 36 36.89 -10.90 22.56
CA ASP A 36 35.47 -11.11 22.88
C ASP A 36 34.82 -9.74 23.01
N CYS A 37 33.49 -9.66 23.10
CA CYS A 37 32.87 -8.32 23.03
C CYS A 37 33.04 -7.49 24.29
N PHE A 38 33.70 -8.05 25.30
CA PHE A 38 34.16 -7.25 26.45
C PHE A 38 35.62 -6.83 26.32
N SER A 39 36.23 -7.05 25.15
CA SER A 39 37.69 -6.89 24.98
C SER A 39 38.46 -7.74 26.00
N ASP A 40 37.93 -8.93 26.28
CA ASP A 40 38.58 -9.92 27.15
C ASP A 40 38.74 -9.46 28.64
N GLN A 41 37.88 -8.51 29.04
CA GLN A 41 37.96 -7.89 30.37
C GLN A 41 37.43 -8.77 31.50
N ILE A 42 36.46 -9.63 31.18
CA ILE A 42 35.90 -10.53 32.17
C ILE A 42 36.58 -11.89 32.08
N THR A 43 37.36 -12.23 33.12
CA THR A 43 38.09 -13.51 33.20
C THR A 43 37.70 -14.37 34.40
N ASN A 44 36.78 -13.87 35.24
CA ASN A 44 36.46 -14.44 36.54
C ASN A 44 34.97 -14.20 36.87
N GLU A 45 34.32 -15.19 37.51
CA GLU A 45 32.85 -15.17 37.69
C GLU A 45 32.34 -14.22 38.81
N GLU A 46 33.24 -13.67 39.62
CA GLU A 46 32.87 -12.63 40.60
C GLU A 46 33.08 -11.19 40.06
N GLN A 47 33.46 -11.08 38.78
CA GLN A 47 33.57 -9.77 38.14
C GLN A 47 32.18 -9.35 37.70
N ALA A 48 31.79 -8.14 38.06
CA ALA A 48 30.53 -7.58 37.59
C ALA A 48 30.73 -6.92 36.23
N LEU A 49 29.75 -7.11 35.35
CA LEU A 49 29.62 -6.37 34.08
C LEU A 49 29.82 -4.87 34.27
N THR A 50 29.28 -4.34 35.36
CA THR A 50 29.42 -2.94 35.67
C THR A 50 30.79 -2.56 36.26
N SER A 51 31.74 -3.50 36.33
CA SER A 51 33.11 -3.23 36.80
C SER A 51 34.15 -3.06 35.66
N ILE A 52 33.71 -3.22 34.41
CA ILE A 52 34.62 -3.13 33.27
C ILE A 52 34.52 -1.78 32.56
N ASP A 53 35.48 -1.55 31.68
CA ASP A 53 35.58 -0.30 30.89
C ASP A 53 34.66 -0.38 29.68
N PHE A 54 33.57 0.36 29.74
CA PHE A 54 32.54 0.31 28.70
C PHE A 54 32.86 1.01 27.38
N ASN A 55 33.86 1.90 27.39
CA ASN A 55 34.41 2.43 26.14
C ASN A 55 35.29 1.41 25.40
N ARG A 56 35.27 0.15 25.86
CA ARG A 56 36.05 -0.91 25.23
C ARG A 56 35.23 -2.16 24.93
N VAL A 57 33.92 -2.03 24.98
CA VAL A 57 33.02 -3.11 24.61
C VAL A 57 32.79 -3.05 23.09
N ASN A 58 32.52 -4.20 22.50
CA ASN A 58 32.27 -4.33 21.07
C ASN A 58 33.48 -3.90 20.22
N PRO A 59 34.64 -4.55 20.46
CA PRO A 59 35.76 -4.35 19.57
C PRO A 59 35.60 -5.13 18.28
N ALA A 60 35.95 -4.50 17.16
CA ALA A 60 36.00 -5.15 15.86
C ALA A 60 37.45 -5.08 15.34
N THR A 61 37.98 -6.20 14.85
CA THR A 61 39.28 -6.24 14.18
C THR A 61 39.10 -5.68 12.76
N GLY A 62 39.96 -4.75 12.36
CA GLY A 62 39.82 -4.02 11.11
C GLY A 62 40.20 -2.56 11.31
N PRO A 63 39.95 -1.69 10.30
CA PRO A 63 39.28 -1.99 9.03
C PRO A 63 40.19 -2.52 7.92
N LEU A 64 39.64 -3.39 7.10
CA LEU A 64 40.35 -3.95 5.95
C LEU A 64 39.93 -3.16 4.71
N TYR A 65 40.91 -2.65 3.96
CA TYR A 65 40.69 -1.99 2.67
C TYR A 65 40.73 -3.05 1.55
N VAL A 66 39.59 -3.25 0.90
CA VAL A 66 39.48 -4.17 -0.24
C VAL A 66 39.66 -3.35 -1.54
N GLU A 67 40.83 -3.48 -2.17
CA GLU A 67 41.14 -2.69 -3.39
C GLU A 67 40.29 -3.21 -4.54
N GLY A 68 39.78 -2.31 -5.37
CA GLY A 68 38.82 -2.64 -6.43
C GLY A 68 37.36 -2.43 -6.03
N ALA A 69 37.12 -2.37 -4.71
CA ALA A 69 35.80 -2.13 -4.14
C ALA A 69 35.53 -0.64 -4.19
N ARG A 70 34.40 -0.27 -4.79
CA ARG A 70 34.01 1.11 -5.02
C ARG A 70 32.59 1.33 -4.55
N ARG A 71 32.26 2.57 -4.20
CA ARG A 71 30.87 2.93 -3.87
C ARG A 71 29.87 2.32 -4.84
N GLY A 72 28.86 1.63 -4.31
CA GLY A 72 27.85 0.94 -5.13
C GLY A 72 28.05 -0.57 -5.33
N ASP A 73 29.26 -1.06 -5.10
CA ASP A 73 29.57 -2.50 -5.14
C ASP A 73 29.02 -3.15 -3.87
N LEU A 75 30.29 -6.49 -1.06
CA LEU A 75 31.27 -7.53 -0.76
C LEU A 75 30.54 -8.84 -0.68
N GLU A 76 31.16 -9.85 -1.26
CA GLU A 76 30.74 -11.23 -1.11
C GLU A 76 31.74 -11.95 -0.22
N ILE A 77 31.31 -12.33 0.98
CA ILE A 77 32.25 -12.80 2.00
C ILE A 77 31.90 -14.22 2.43
N GLU A 78 32.82 -15.12 2.11
CA GLU A 78 32.66 -16.53 2.37
C GLU A 78 33.34 -16.91 3.68
N ILE A 79 32.56 -17.30 4.67
CA ILE A 79 33.11 -17.70 6.00
C ILE A 79 33.62 -19.13 5.81
N LEU A 80 34.93 -19.27 5.76
CA LEU A 80 35.55 -20.58 5.55
C LEU A 80 35.69 -21.31 6.89
N ASP A 81 36.00 -20.57 7.96
CA ASP A 81 36.27 -21.21 9.27
C ASP A 81 36.19 -20.23 10.42
N ILE A 82 35.73 -20.69 11.59
CA ILE A 82 35.78 -19.86 12.81
C ILE A 82 36.37 -20.75 13.89
N LYS A 83 37.46 -20.29 14.50
CA LYS A 83 38.11 -21.02 15.60
C LYS A 83 37.90 -20.20 16.86
N VAL A 84 37.42 -20.80 17.94
CA VAL A 84 37.21 -20.04 19.17
C VAL A 84 38.20 -20.47 20.23
N GLY A 85 38.32 -19.64 21.26
CA GLY A 85 39.11 -19.95 22.44
C GLY A 85 38.56 -21.09 23.29
N LYS A 86 39.23 -21.37 24.41
CA LYS A 86 38.81 -22.51 25.26
C LYS A 86 37.78 -22.15 26.37
N GLN A 87 37.36 -20.90 26.45
CA GLN A 87 36.38 -20.52 27.45
C GLN A 87 35.58 -19.28 27.05
N GLY A 88 34.26 -19.43 27.10
CA GLY A 88 33.33 -18.34 26.87
C GLY A 88 32.80 -17.72 28.14
N VAL A 89 31.98 -16.68 27.99
CA VAL A 89 31.46 -15.88 29.11
C VAL A 89 30.05 -15.34 28.77
N THR A 91 26.89 -12.84 30.75
CA THR A 91 26.48 -11.91 31.77
C THR A 91 24.93 -11.73 31.77
N ALA A 92 24.30 -11.98 32.93
CA ALA A 92 22.91 -11.61 33.19
C ALA A 92 22.89 -10.35 34.05
N ALA A 93 22.28 -9.27 33.53
CA ALA A 93 22.20 -7.94 34.21
C ALA A 93 20.76 -7.44 34.30
N PRO A 94 20.23 -7.27 35.51
CA PRO A 94 18.97 -6.56 35.72
C PRO A 94 18.98 -5.23 34.95
N GLY A 95 17.85 -4.86 34.34
CA GLY A 95 17.79 -3.70 33.44
C GLY A 95 18.24 -3.87 32.00
N LEU A 96 18.83 -5.03 31.66
CA LEU A 96 19.27 -5.29 30.28
C LEU A 96 18.62 -6.56 29.67
N GLY A 97 18.41 -6.51 28.36
CA GLY A 97 17.88 -7.62 27.58
C GLY A 97 16.40 -7.80 27.82
N ALA A 98 15.84 -8.81 27.19
CA ALA A 98 14.41 -9.13 27.26
C ALA A 98 13.97 -9.47 28.67
N LEU A 99 14.84 -10.08 29.48
CA LEU A 99 14.52 -10.46 30.87
C LEU A 99 14.91 -9.40 31.91
N GLY A 100 15.29 -8.21 31.46
CA GLY A 100 15.73 -7.12 32.36
C GLY A 100 14.96 -6.93 33.64
N GLU A 101 13.63 -6.91 33.53
CA GLU A 101 12.79 -6.63 34.67
C GLU A 101 12.43 -7.90 35.45
N SER A 102 12.88 -9.06 34.99
CA SER A 102 12.61 -10.31 35.70
C SER A 102 13.83 -10.77 36.51
N LEU A 103 15.02 -10.30 36.13
CA LEU A 103 16.25 -10.72 36.80
C LEU A 103 16.39 -10.13 38.23
N ASN A 104 16.97 -10.91 39.13
CA ASN A 104 17.12 -10.50 40.54
C ASN A 104 18.47 -9.85 40.83
N SER A 105 19.52 -10.42 40.24
CA SER A 105 20.89 -10.02 40.54
C SER A 105 21.83 -10.24 39.38
N PRO A 106 22.84 -9.34 39.24
CA PRO A 106 23.86 -9.49 38.22
C PRO A 106 24.59 -10.80 38.45
N THR A 107 24.86 -11.49 37.35
CA THR A 107 25.43 -12.82 37.35
C THR A 107 26.40 -12.94 36.17
N THR A 108 27.59 -13.48 36.41
CA THR A 108 28.58 -13.77 35.36
C THR A 108 28.91 -15.25 35.39
N LYS A 109 28.96 -15.87 34.22
CA LYS A 109 29.24 -17.28 34.19
C LYS A 109 30.19 -17.64 33.05
N LEU A 110 31.12 -18.54 33.36
CA LEU A 110 32.16 -19.00 32.43
C LEU A 110 31.82 -20.38 31.86
N PHE A 111 32.06 -20.55 30.57
CA PHE A 111 31.71 -21.76 29.85
C PHE A 111 32.96 -22.30 29.23
N PRO A 112 33.52 -23.35 29.83
CA PRO A 112 34.55 -24.13 29.13
C PRO A 112 34.08 -24.71 27.80
N ILE A 113 34.94 -24.63 26.80
CA ILE A 113 34.71 -25.29 25.52
C ILE A 113 35.48 -26.58 25.58
N GLU A 114 34.80 -27.69 25.32
CA GLU A 114 35.38 -29.02 25.46
C GLU A 114 34.89 -29.89 24.31
N GLY A 115 35.79 -30.34 23.45
CA GLY A 115 35.39 -31.10 22.26
C GLY A 115 34.53 -30.21 21.39
N ASP A 116 33.41 -30.74 20.90
CA ASP A 116 32.46 -29.95 20.15
C ASP A 116 31.32 -29.40 21.04
N ASP A 117 31.57 -29.16 22.34
CA ASP A 117 30.53 -28.77 23.32
C ASP A 117 30.83 -27.46 24.05
N VAL A 118 29.79 -26.69 24.36
CA VAL A 118 29.87 -25.60 25.36
C VAL A 118 29.40 -26.17 26.72
N VAL A 119 30.30 -26.19 27.70
CA VAL A 119 29.97 -26.78 28.99
C VAL A 119 29.20 -25.75 29.86
N TYR A 120 27.90 -26.00 30.06
CA TYR A 120 27.03 -25.13 30.89
C TYR A 120 27.09 -25.53 32.37
N SER A 121 26.98 -26.82 32.62
CA SER A 121 27.07 -27.39 33.95
C SER A 121 27.42 -28.88 33.82
N THR A 122 27.58 -29.55 34.96
CA THR A 122 27.86 -30.97 34.97
CA THR A 122 27.85 -30.98 35.01
C THR A 122 26.86 -31.73 34.12
N GLY A 123 25.57 -31.38 34.25
CA GLY A 123 24.49 -32.07 33.52
C GLY A 123 24.11 -31.54 32.15
N LEU A 124 24.43 -30.27 31.85
CA LEU A 124 23.99 -29.62 30.59
C LEU A 124 25.17 -29.21 29.70
N ARG A 125 25.08 -29.54 28.42
CA ARG A 125 26.09 -29.17 27.44
C ARG A 125 25.40 -28.66 26.20
N LEU A 126 25.96 -27.60 25.62
CA LEU A 126 25.42 -27.06 24.39
C LEU A 126 26.34 -27.39 23.21
N PRO A 127 25.76 -27.52 22.02
CA PRO A 127 26.62 -27.73 20.87
C PRO A 127 27.46 -26.51 20.60
N LEU A 128 28.72 -26.73 20.27
CA LEU A 128 29.60 -25.65 19.79
C LEU A 128 29.10 -25.21 18.41
N GLN A 129 28.61 -23.97 18.32
CA GLN A 129 28.09 -23.39 17.07
C GLN A 129 28.67 -21.98 16.86
N PRO A 130 29.92 -21.94 16.36
CA PRO A 130 30.61 -20.67 16.23
C PRO A 130 29.95 -19.79 15.21
N ILE A 132 29.67 -15.28 13.92
CA ILE A 132 30.15 -13.91 14.03
C ILE A 132 28.98 -12.92 14.33
N GLY A 133 29.11 -12.18 15.42
CA GLY A 133 28.05 -11.27 15.84
C GLY A 133 28.09 -9.89 15.21
N VAL A 134 29.30 -9.37 15.03
CA VAL A 134 29.54 -8.03 14.50
C VAL A 134 30.36 -8.20 13.23
N ILE A 135 29.73 -7.89 12.10
CA ILE A 135 30.41 -7.83 10.83
C ILE A 135 29.82 -6.65 10.05
N GLY A 136 30.67 -5.75 9.53
CA GLY A 136 30.15 -4.58 8.84
C GLY A 136 31.18 -3.82 8.04
N THR A 137 30.67 -2.99 7.13
CA THR A 137 31.46 -2.04 6.35
C THR A 137 31.17 -0.61 6.88
N ALA A 138 31.94 0.37 6.40
CA ALA A 138 31.79 1.75 6.84
C ALA A 138 30.56 2.40 6.23
N PRO A 139 29.73 3.09 7.07
CA PRO A 139 28.57 3.80 6.52
C PRO A 139 29.06 5.04 5.78
N PRO A 140 28.27 5.54 4.79
CA PRO A 140 28.75 6.71 4.06
C PRO A 140 28.69 7.99 4.89
N GLY A 141 27.78 8.03 5.87
CA GLY A 141 27.55 9.24 6.65
C GLY A 141 28.33 9.28 7.94
N GLU A 142 27.64 9.63 9.03
CA GLU A 142 28.25 9.64 10.37
C GLU A 142 28.59 8.22 10.84
N PRO A 143 29.61 8.09 11.70
CA PRO A 143 30.03 6.79 12.23
C PRO A 143 28.94 6.15 13.07
N ILE A 144 28.87 4.84 13.04
CA ILE A 144 27.85 4.12 13.78
C ILE A 144 28.56 3.19 14.75
N ASN A 145 28.36 3.41 16.04
CA ASN A 145 28.95 2.50 17.03
C ASN A 145 28.71 1.02 16.69
N ASN A 146 29.73 0.19 16.96
CA ASN A 146 29.68 -1.26 16.64
C ASN A 146 28.48 -1.99 17.24
N GLY A 147 28.02 -1.56 18.43
CA GLY A 147 26.85 -2.19 19.09
C GLY A 147 25.50 -2.06 18.38
N THR A 148 25.43 -1.21 17.35
CA THR A 148 24.21 -0.89 16.64
C THR A 148 24.32 -1.47 15.22
N PRO A 149 23.37 -2.34 14.81
CA PRO A 149 23.31 -2.72 13.40
C PRO A 149 22.66 -1.63 12.53
N GLY A 150 22.87 -1.76 11.22
CA GLY A 150 22.32 -0.85 10.21
C GLY A 150 22.46 -1.48 8.82
N PRO A 151 22.21 -0.69 7.75
CA PRO A 151 22.38 -1.23 6.41
C PRO A 151 23.80 -1.76 6.12
N HIS A 152 24.81 -1.21 6.81
CA HIS A 152 26.23 -1.58 6.69
C HIS A 152 26.59 -2.87 7.40
N GLY A 153 25.66 -3.42 8.17
CA GLY A 153 25.91 -4.59 9.04
C GLY A 153 26.03 -4.12 10.48
N GLY A 154 27.19 -4.37 11.08
CA GLY A 154 27.41 -4.09 12.50
C GLY A 154 26.87 -5.20 13.39
N ASN A 155 26.25 -4.82 14.51
CA ASN A 155 25.83 -5.73 15.57
C ASN A 155 24.53 -6.50 15.21
N LEU A 156 24.68 -7.43 14.26
CA LEU A 156 23.54 -8.14 13.66
C LEU A 156 23.09 -9.32 14.52
N ASP A 157 24.01 -9.86 15.32
CA ASP A 157 23.79 -11.09 16.09
C ASP A 157 22.86 -12.09 15.39
N THR A 158 23.32 -12.53 14.21
CA THR A 158 22.59 -13.46 13.34
C THR A 158 23.34 -14.77 13.35
N LYS A 159 22.69 -15.82 13.85
CA LYS A 159 23.33 -17.10 14.07
C LYS A 159 23.64 -17.86 12.78
N ASP A 160 23.04 -17.44 11.68
CA ASP A 160 23.34 -18.05 10.39
C ASP A 160 24.64 -17.52 9.79
N ILE A 161 25.21 -16.50 10.41
CA ILE A 161 26.56 -16.01 10.03
C ILE A 161 27.60 -16.90 10.71
N LYS A 162 27.88 -18.01 10.04
CA LYS A 162 28.58 -19.15 10.60
C LYS A 162 29.39 -19.79 9.50
N PRO A 163 30.21 -20.78 9.83
CA PRO A 163 31.04 -21.35 8.78
C PRO A 163 30.20 -21.92 7.65
N GLY A 164 30.65 -21.65 6.41
CA GLY A 164 29.97 -22.15 5.19
C GLY A 164 28.88 -21.21 4.66
N THR A 165 28.64 -20.12 5.38
CA THR A 165 27.71 -19.07 4.98
C THR A 165 28.47 -18.01 4.17
N THR A 166 27.84 -17.50 3.12
CA THR A 166 28.30 -16.31 2.40
C THR A 166 27.48 -15.10 2.87
N VAL A 167 28.18 -14.01 3.25
CA VAL A 167 27.58 -12.79 3.75
C VAL A 167 27.72 -11.75 2.67
N TYR A 168 26.69 -10.95 2.45
CA TYR A 168 26.79 -9.81 1.50
C TYR A 168 26.56 -8.48 2.20
N LEU A 169 27.57 -7.57 2.14
CA LEU A 169 27.51 -6.22 2.73
C LEU A 169 27.71 -5.12 1.66
N PRO A 170 27.19 -3.89 1.89
CA PRO A 170 27.36 -2.82 0.91
C PRO A 170 28.78 -2.26 0.95
N VAL A 171 29.23 -1.80 -0.20
CA VAL A 171 30.41 -0.93 -0.27
C VAL A 171 29.85 0.47 -0.47
N GLU A 172 29.98 1.30 0.56
CA GLU A 172 29.47 2.67 0.51
C GLU A 172 30.59 3.72 0.50
N VAL A 173 31.80 3.33 0.86
CA VAL A 173 32.98 4.18 0.73
C VAL A 173 34.00 3.32 0.00
N ASP A 174 34.86 3.91 -0.83
CA ASP A 174 35.77 3.09 -1.64
C ASP A 174 36.68 2.26 -0.71
N GLY A 175 36.94 1.00 -1.10
CA GLY A 175 37.65 0.06 -0.26
C GLY A 175 36.78 -0.69 0.75
N ALA A 176 35.54 -0.27 0.94
CA ALA A 176 34.56 -0.95 1.86
C ALA A 176 34.83 -0.70 3.35
N LEU A 177 36.03 -1.08 3.78
CA LEU A 177 36.48 -0.99 5.18
C LEU A 177 35.70 -1.94 6.08
N LEU A 178 36.06 -3.22 5.95
CA LEU A 178 35.42 -4.35 6.63
C LEU A 178 36.07 -4.57 8.00
N ALA A 179 35.25 -4.83 9.01
CA ALA A 179 35.70 -5.05 10.38
C ALA A 179 34.77 -6.13 10.96
N LEU A 180 35.28 -6.97 11.84
CA LEU A 180 34.44 -8.00 12.42
C LEU A 180 34.90 -8.38 13.80
N GLY A 181 33.98 -9.00 14.53
CA GLY A 181 34.20 -9.23 15.94
C GLY A 181 33.06 -9.99 16.56
N ASP A 182 33.08 -10.02 17.88
CA ASP A 182 31.95 -10.51 18.64
C ASP A 182 31.54 -11.90 18.26
N LEU A 183 32.48 -12.84 18.39
CA LEU A 183 32.25 -14.24 18.12
C LEU A 183 31.49 -14.87 19.29
N HIS A 184 30.66 -15.89 18.99
CA HIS A 184 29.94 -16.66 19.99
C HIS A 184 30.16 -18.13 19.74
N ALA A 185 30.18 -18.87 20.84
CA ALA A 185 30.33 -20.30 20.84
C ALA A 185 28.93 -20.94 20.74
N ALA A 186 27.92 -20.17 21.12
CA ALA A 186 26.55 -20.58 21.02
C ALA A 186 25.67 -19.38 21.20
N GLY A 188 21.10 -18.49 20.48
CA GLY A 188 19.81 -18.76 19.84
C GLY A 188 19.18 -17.52 19.29
N ASP A 189 18.28 -17.69 18.32
CA ASP A 189 17.54 -16.57 17.76
C ASP A 189 16.95 -15.72 18.89
N GLY A 190 17.14 -14.41 18.78
CA GLY A 190 16.66 -13.51 19.81
C GLY A 190 17.73 -13.00 20.76
N GLU A 191 18.76 -13.80 21.02
CA GLU A 191 19.81 -13.37 21.98
C GLU A 191 19.18 -12.71 23.22
N ILE A 192 18.16 -13.35 23.76
CA ILE A 192 17.20 -12.69 24.66
C ILE A 192 17.79 -12.17 25.99
N LEU A 193 18.81 -12.80 26.52
CA LEU A 193 19.39 -12.34 27.78
C LEU A 193 20.16 -11.02 27.60
N ILE A 194 20.79 -10.86 26.43
CA ILE A 194 21.70 -9.72 26.05
C ILE A 194 22.98 -10.24 25.37
N CYS A 195 23.33 -11.49 25.59
CA CYS A 195 24.57 -11.98 25.05
C CYS A 195 24.43 -13.43 24.59
N GLY A 196 25.37 -13.85 23.75
CA GLY A 196 25.55 -15.25 23.43
C GLY A 196 26.59 -15.77 24.39
N VAL A 197 27.15 -16.93 24.12
CA VAL A 197 28.30 -17.36 24.88
C VAL A 197 29.45 -16.56 24.23
N GLU A 198 29.90 -15.51 24.89
CA GLU A 198 30.88 -14.58 24.32
C GLU A 198 32.29 -15.16 24.38
N ILE A 199 33.01 -15.10 23.26
CA ILE A 199 34.33 -15.73 23.14
C ILE A 199 35.24 -15.10 22.07
N ALA A 200 36.55 -15.16 22.30
CA ALA A 200 37.53 -14.73 21.31
C ALA A 200 37.88 -15.88 20.37
N GLY A 201 38.48 -15.51 19.27
CA GLY A 201 38.85 -16.47 18.28
C GLY A 201 39.41 -15.88 17.00
N THR A 202 39.36 -16.68 15.95
CA THR A 202 39.94 -16.33 14.67
C THR A 202 38.98 -16.70 13.52
N VAL A 203 38.77 -15.75 12.62
CA VAL A 203 37.88 -16.00 11.50
C VAL A 203 38.75 -16.05 10.26
N THR A 204 38.49 -17.05 9.41
CA THR A 204 39.09 -17.15 8.10
C THR A 204 37.97 -16.97 7.09
N LEU A 205 38.17 -16.01 6.19
CA LEU A 205 37.18 -15.69 5.17
C LEU A 205 37.86 -15.42 3.82
N LYS A 206 37.09 -15.57 2.74
CA LYS A 206 37.47 -15.07 1.42
C LYS A 206 36.58 -13.85 1.06
N VAL A 207 37.23 -12.77 0.64
CA VAL A 207 36.49 -11.56 0.32
CA VAL A 207 36.49 -11.56 0.32
C VAL A 207 36.48 -11.29 -1.19
N ASN A 208 35.27 -11.23 -1.77
CA ASN A 208 35.11 -10.92 -3.20
C ASN A 208 34.38 -9.61 -3.39
N VAL A 209 34.78 -8.88 -4.43
CA VAL A 209 34.14 -7.62 -4.78
C VAL A 209 33.16 -7.94 -5.89
N LYS A 210 31.92 -7.53 -5.71
CA LYS A 210 30.88 -7.71 -6.71
C LYS A 210 30.46 -6.32 -7.17
N LYS A 211 30.48 -6.13 -8.48
CA LYS A 211 30.29 -4.81 -9.06
C LYS A 211 28.83 -4.43 -9.24
N GLU A 212 27.93 -5.40 -9.19
CA GLU A 212 26.52 -5.08 -9.22
C GLU A 212 25.86 -5.54 -7.94
N ARG A 213 25.17 -4.59 -7.32
CA ARG A 213 24.43 -4.84 -6.12
C ARG A 213 23.06 -5.40 -6.44
N PHE A 215 20.82 -7.45 -4.71
CA PHE A 215 19.72 -7.48 -3.72
C PHE A 215 19.94 -6.47 -2.59
N PRO A 216 18.89 -6.23 -1.78
CA PRO A 216 19.03 -5.35 -0.62
C PRO A 216 19.92 -6.01 0.42
N LEU A 217 20.71 -5.20 1.11
CA LEU A 217 21.76 -5.69 1.97
C LEU A 217 21.47 -5.18 3.41
N PRO A 218 21.99 -5.86 4.46
CA PRO A 218 22.79 -7.07 4.37
C PRO A 218 21.99 -8.26 3.94
N ALA A 219 22.71 -9.30 3.49
CA ALA A 219 22.04 -10.53 3.15
C ALA A 219 22.98 -11.69 3.31
N LEU A 220 22.41 -12.87 3.33
CA LEU A 220 23.22 -14.05 3.40
C LEU A 220 22.64 -15.24 2.67
N LYS A 221 23.54 -16.16 2.30
CA LYS A 221 23.19 -17.44 1.70
C LYS A 221 23.94 -18.53 2.46
N THR A 222 23.20 -19.57 2.89
CA THR A 222 23.73 -20.76 3.52
C THR A 222 23.83 -21.84 2.44
N ASP A 223 24.10 -23.08 2.81
CA ASP A 223 24.04 -24.20 1.87
C ASP A 223 22.61 -24.44 1.32
N THR A 224 21.55 -23.95 1.97
CA THR A 224 20.18 -24.30 1.56
C THR A 224 19.22 -23.13 1.38
N HIS A 225 19.55 -21.99 1.96
CA HIS A 225 18.66 -20.81 1.96
C HIS A 225 19.39 -19.53 1.63
N PHE A 226 18.61 -18.56 1.18
CA PHE A 226 19.05 -17.20 1.00
C PHE A 226 18.20 -16.35 1.96
N THR A 228 17.36 -12.25 3.47
CA THR A 228 17.48 -10.81 3.58
C THR A 228 17.40 -10.39 5.06
N ILE A 229 18.31 -9.49 5.44
CA ILE A 229 18.42 -8.96 6.79
C ILE A 229 18.05 -7.45 6.88
N ALA A 230 17.28 -7.10 7.90
CA ALA A 230 16.99 -5.70 8.16
C ALA A 230 17.01 -5.40 9.66
N SER A 231 17.42 -4.18 9.98
CA SER A 231 17.39 -3.67 11.35
C SER A 231 16.59 -2.39 11.49
N ALA A 232 15.88 -2.28 12.61
CA ALA A 232 15.02 -1.15 12.90
C ALA A 232 14.89 -0.92 14.39
N GLU A 233 14.22 0.16 14.75
CA GLU A 233 14.01 0.52 16.14
C GLU A 233 13.11 -0.47 16.84
N THR A 234 12.17 -1.04 16.09
CA THR A 234 11.25 -2.04 16.60
C THR A 234 11.44 -3.35 15.82
N LEU A 235 11.16 -4.46 16.48
CA LEU A 235 11.16 -5.73 15.80
C LEU A 235 10.01 -5.79 14.76
N ASP A 236 8.91 -5.08 15.02
CA ASP A 236 7.78 -4.99 14.07
C ASP A 236 8.30 -4.52 12.70
N ALA A 237 9.11 -3.47 12.74
CA ALA A 237 9.56 -2.74 11.56
C ALA A 237 10.72 -3.44 10.90
N ALA A 238 11.61 -4.04 11.70
CA ALA A 238 12.68 -4.89 11.16
C ALA A 238 12.11 -6.07 10.38
N ALA A 239 11.09 -6.72 10.95
CA ALA A 239 10.35 -7.80 10.31
C ALA A 239 9.75 -7.37 8.99
N VAL A 240 8.99 -6.27 8.99
CA VAL A 240 8.39 -5.74 7.77
C VAL A 240 9.44 -5.34 6.72
N GLN A 241 10.55 -4.69 7.14
CA GLN A 241 11.65 -4.38 6.22
C GLN A 241 12.35 -5.62 5.64
N ALA A 242 12.71 -6.61 6.44
CA ALA A 242 13.34 -7.83 5.90
C ALA A 242 12.48 -8.50 4.85
N THR A 243 11.19 -8.54 5.14
CA THR A 243 10.18 -9.15 4.30
C THR A 243 10.04 -8.39 2.96
N LYS A 244 9.91 -7.08 3.03
CA LYS A 244 9.82 -6.26 1.83
C LYS A 244 11.05 -6.31 0.95
N ASN A 245 12.24 -6.47 1.56
CA ASN A 245 13.52 -6.65 0.82
C ASN A 245 13.57 -7.93 -0.01
N ALA A 247 10.75 -9.58 -0.98
CA ALA A 247 9.64 -9.49 -1.94
C ALA A 247 9.97 -8.56 -3.15
N THR A 248 10.60 -7.42 -2.87
CA THR A 248 10.93 -6.47 -3.94
C THR A 248 12.11 -7.02 -4.76
N PHE A 249 13.05 -7.71 -4.12
CA PHE A 249 14.11 -8.44 -4.84
C PHE A 249 13.57 -9.47 -5.88
N LEU A 250 12.75 -10.39 -5.40
CA LEU A 250 12.08 -11.41 -6.21
C LEU A 250 11.25 -10.77 -7.35
N ALA A 251 10.50 -9.72 -7.04
CA ALA A 251 9.67 -9.05 -8.01
C ALA A 251 10.56 -8.40 -9.06
N ASN A 252 11.53 -7.60 -8.63
CA ASN A 252 12.42 -6.87 -9.52
C ASN A 252 13.29 -7.75 -10.40
N ARG A 253 13.75 -8.87 -9.86
CA ARG A 253 14.75 -9.68 -10.51
C ARG A 253 14.17 -10.92 -11.19
N THR A 254 12.89 -11.21 -11.00
CA THR A 254 12.29 -12.40 -11.62
C THR A 254 11.00 -12.04 -12.34
N ALA A 255 10.47 -13.02 -13.05
CA ALA A 255 9.19 -12.89 -13.76
C ALA A 255 8.01 -12.74 -12.81
N LEU A 256 8.18 -13.05 -11.52
CA LEU A 256 7.09 -12.85 -10.53
C LEU A 256 6.70 -11.38 -10.47
N SER A 257 5.41 -11.10 -10.25
CA SER A 257 4.94 -9.75 -9.88
C SER A 257 5.03 -9.68 -8.37
N ILE A 258 4.77 -8.50 -7.80
CA ILE A 258 4.89 -8.29 -6.35
C ILE A 258 3.83 -9.08 -5.54
N GLU A 259 2.65 -9.23 -6.13
CA GLU A 259 1.57 -10.06 -5.57
C GLU A 259 1.99 -11.50 -5.54
N GLU A 260 2.48 -12.01 -6.67
CA GLU A 260 2.99 -13.39 -6.75
C GLU A 260 4.16 -13.68 -5.82
N ALA A 261 5.08 -12.73 -5.72
CA ALA A 261 6.20 -12.83 -4.80
C ALA A 261 5.74 -12.89 -3.36
N GLY A 262 4.78 -12.06 -2.98
CA GLY A 262 4.21 -12.06 -1.64
C GLY A 262 3.52 -13.37 -1.27
N LEU A 264 4.34 -16.31 -2.64
CA LEU A 264 5.38 -17.29 -2.49
C LEU A 264 6.01 -17.21 -1.10
N LEU A 265 6.28 -15.98 -0.62
CA LEU A 265 6.89 -15.75 0.69
C LEU A 265 5.98 -16.21 1.85
N SER A 266 4.73 -15.78 1.81
CA SER A 266 3.72 -16.16 2.80
C SER A 266 3.54 -17.67 2.85
N GLY A 267 3.61 -18.31 1.68
CA GLY A 267 3.44 -19.75 1.60
C GLY A 267 4.66 -20.65 1.84
N ALA A 268 5.85 -20.14 1.54
CA ALA A 268 7.04 -20.99 1.40
C ALA A 268 8.25 -20.43 2.16
N GLY A 269 8.22 -19.15 2.53
CA GLY A 269 9.36 -18.56 3.21
C GLY A 269 9.11 -18.44 4.69
N ASP A 270 10.15 -18.11 5.45
CA ASP A 270 9.99 -17.88 6.88
C ASP A 270 10.64 -16.59 7.38
N LEU A 271 9.94 -15.87 8.25
CA LEU A 271 10.46 -14.69 8.88
C LEU A 271 11.07 -15.15 10.19
N TYR A 272 12.33 -14.79 10.40
CA TYR A 272 13.06 -15.14 11.61
C TYR A 272 13.59 -13.89 12.32
N VAL A 273 13.86 -14.07 13.59
CA VAL A 273 14.37 -13.07 14.50
C VAL A 273 15.85 -13.34 14.72
N SER A 274 16.68 -12.30 14.59
CA SER A 274 18.11 -12.43 14.84
C SER A 274 18.41 -12.15 16.30
N GLN A 275 18.08 -10.94 16.74
CA GLN A 275 18.33 -10.49 18.11
C GLN A 275 17.29 -9.45 18.43
N ILE A 276 16.89 -9.33 19.71
CA ILE A 276 15.96 -8.26 20.15
C ILE A 276 16.52 -7.36 21.25
N VAL A 277 17.84 -7.36 21.40
CA VAL A 277 18.47 -6.76 22.60
C VAL A 277 19.38 -5.55 22.32
N ASN A 278 19.70 -5.30 21.04
CA ASN A 278 20.62 -4.23 20.65
C ASN A 278 19.82 -2.95 20.39
N PRO A 279 20.50 -1.77 20.31
CA PRO A 279 19.77 -0.52 20.09
C PRO A 279 18.90 -0.51 18.85
N LEU A 280 19.24 -1.31 17.86
CA LEU A 280 18.27 -1.64 16.84
C LEU A 280 18.08 -3.16 16.90
N LYS A 281 16.86 -3.59 16.61
CA LYS A 281 16.51 -5.01 16.57
C LYS A 281 16.73 -5.54 15.13
N THR A 282 17.03 -6.83 14.98
CA THR A 282 17.35 -7.38 13.66
C THR A 282 16.49 -8.60 13.39
N ALA A 283 16.00 -8.70 12.15
CA ALA A 283 15.13 -9.78 11.67
C ALA A 283 15.64 -10.21 10.32
N ARG A 284 15.31 -11.44 9.93
CA ARG A 284 15.66 -11.93 8.56
C ARG A 284 14.54 -12.73 7.92
N PHE A 285 14.36 -12.52 6.62
CA PHE A 285 13.45 -13.37 5.86
C PHE A 285 14.26 -14.34 5.04
N SER A 286 13.91 -15.62 5.16
CA SER A 286 14.64 -16.73 4.58
C SER A 286 13.76 -17.54 3.60
N LEU A 287 14.30 -17.77 2.39
CA LEU A 287 13.66 -18.63 1.41
C LEU A 287 14.67 -19.66 0.81
N ALA A 288 14.22 -20.90 0.61
CA ALA A 288 15.03 -22.00 0.08
C ALA A 288 15.62 -21.71 -1.30
N LEU A 289 16.91 -22.01 -1.49
CA LEU A 289 17.62 -21.66 -2.74
C LEU A 289 17.02 -22.39 -3.94
N HIS A 290 16.41 -23.54 -3.72
CA HIS A 290 15.84 -24.26 -4.86
C HIS A 290 14.70 -23.50 -5.55
N TYR A 291 14.08 -22.51 -4.86
CA TYR A 291 13.06 -21.64 -5.47
C TYR A 291 13.71 -20.59 -6.38
N PHE A 292 14.84 -20.05 -5.96
CA PHE A 292 15.67 -19.19 -6.80
C PHE A 292 16.21 -19.95 -8.02
N GLU A 293 16.58 -21.21 -7.88
CA GLU A 293 17.04 -21.99 -9.04
C GLU A 293 15.91 -22.11 -10.07
N LYS A 294 14.74 -22.54 -9.60
CA LYS A 294 13.50 -22.55 -10.37
C LYS A 294 13.20 -21.22 -11.09
N LEU A 295 13.34 -20.10 -10.38
CA LEU A 295 13.08 -18.79 -10.97
C LEU A 295 14.21 -18.26 -11.87
N GLY A 296 15.29 -19.04 -12.05
CA GLY A 296 16.43 -18.61 -12.86
C GLY A 296 17.29 -17.55 -12.21
N VAL A 297 17.15 -17.40 -10.88
CA VAL A 297 17.96 -16.50 -10.06
C VAL A 297 18.93 -17.35 -9.24
N ILE B 3 11.87 31.78 8.91
CA ILE B 3 12.89 30.90 8.35
C ILE B 3 12.85 31.03 6.83
N ARG B 4 14.01 31.29 6.22
CA ARG B 4 14.11 31.41 4.76
C ARG B 4 15.02 30.32 4.22
N LEU B 5 14.49 29.60 3.23
CA LEU B 5 15.20 28.49 2.60
C LEU B 5 15.58 28.90 1.17
N SER B 6 16.87 28.99 0.89
CA SER B 6 17.35 29.51 -0.41
C SER B 6 17.22 28.45 -1.50
N ASN B 7 17.19 28.88 -2.76
CA ASN B 7 17.09 27.99 -3.90
C ASN B 7 18.41 27.30 -4.34
N GLU B 8 19.49 27.52 -3.59
CA GLU B 8 20.79 26.88 -3.83
C GLU B 8 20.87 25.52 -3.18
N ASN B 9 19.92 25.24 -2.29
CA ASN B 9 19.91 24.03 -1.48
C ASN B 9 18.72 23.20 -1.90
N THR B 10 18.88 22.47 -3.00
CA THR B 10 17.76 21.70 -3.55
C THR B 10 18.06 20.20 -3.66
N ILE B 11 17.01 19.41 -3.78
CA ILE B 11 17.09 17.97 -3.83
C ILE B 11 16.35 17.51 -5.07
N PHE B 12 16.65 16.30 -5.53
CA PHE B 12 15.99 15.76 -6.71
C PHE B 12 15.28 14.45 -6.43
N PHE B 13 15.36 13.97 -5.16
CA PHE B 13 14.60 12.83 -4.67
C PHE B 13 14.00 13.15 -3.34
N ASP B 15 13.63 11.62 0.03
CA ASP B 15 14.54 10.64 0.60
C ASP B 15 14.74 10.95 2.07
N LYS B 16 14.61 9.92 2.91
CA LYS B 16 14.72 10.05 4.37
C LYS B 16 16.17 10.30 4.80
N GLU B 17 17.10 9.94 3.91
CA GLU B 17 18.50 10.20 4.16
C GLU B 17 18.98 11.60 3.74
N ASN B 18 18.15 12.40 3.08
CA ASN B 18 18.53 13.79 2.80
C ASN B 18 18.72 14.56 4.11
N VAL B 19 19.87 15.24 4.29
CA VAL B 19 20.11 16.02 5.49
C VAL B 19 19.30 17.31 5.42
N PRO B 20 18.56 17.62 6.49
CA PRO B 20 17.71 18.80 6.42
C PRO B 20 18.55 20.08 6.40
N ILE B 21 18.06 21.05 5.64
CA ILE B 21 18.75 22.32 5.41
C ILE B 21 18.35 23.38 6.45
N ALA B 22 17.17 23.20 7.01
CA ALA B 22 16.62 24.10 7.99
C ALA B 22 15.78 23.27 8.94
N SER B 23 15.59 23.80 10.16
CA SER B 23 14.60 23.29 11.11
C SER B 23 13.59 24.34 11.49
N CYS B 24 12.40 23.91 11.92
CA CYS B 24 11.40 24.83 12.48
C CYS B 24 10.57 24.17 13.57
N GLN B 25 9.76 24.98 14.27
CA GLN B 25 8.76 24.45 15.19
C GLN B 25 7.41 24.38 14.47
N SER B 26 6.51 23.54 14.98
CA SER B 26 5.12 23.53 14.51
C SER B 26 4.55 24.93 14.68
N GLY B 27 3.94 25.47 13.63
CA GLY B 27 3.35 26.83 13.67
C GLY B 27 4.23 27.95 13.13
N ASP B 28 5.44 27.61 12.70
CA ASP B 28 6.35 28.58 12.14
C ASP B 28 5.98 28.83 10.69
N THR B 29 6.26 30.05 10.27
CA THR B 29 6.06 30.44 8.90
C THR B 29 7.44 30.28 8.28
N VAL B 30 7.45 29.78 7.06
CA VAL B 30 8.68 29.44 6.35
C VAL B 30 8.55 29.86 4.90
N ILE B 31 9.63 30.47 4.38
CA ILE B 31 9.75 30.86 2.97
C ILE B 31 10.66 29.88 2.23
N PHE B 32 10.14 29.27 1.17
CA PHE B 32 10.94 28.46 0.25
C PHE B 32 11.21 29.29 -0.99
N GLU B 33 12.48 29.49 -1.32
CA GLU B 33 12.81 30.05 -2.62
C GLU B 33 12.94 28.90 -3.61
N THR B 34 12.46 29.09 -4.83
CA THR B 34 12.41 27.98 -5.81
C THR B 34 13.06 28.31 -7.18
N LYS B 35 13.77 27.33 -7.77
CA LYS B 35 14.11 27.34 -9.20
C LYS B 35 12.96 26.74 -10.01
N ASP B 36 12.84 27.06 -11.30
CA ASP B 36 11.80 26.43 -12.12
C ASP B 36 12.22 24.97 -12.29
N CYS B 37 11.35 24.12 -12.85
CA CYS B 37 11.64 22.68 -12.86
C CYS B 37 12.70 22.19 -13.84
N PHE B 38 13.29 23.12 -14.60
CA PHE B 38 14.46 22.84 -15.45
C PHE B 38 15.77 23.31 -14.78
N SER B 39 15.70 23.65 -13.49
CA SER B 39 16.79 24.34 -12.77
C SER B 39 17.21 25.62 -13.49
N ASP B 40 16.22 26.42 -13.90
CA ASP B 40 16.48 27.69 -14.59
C ASP B 40 17.46 27.56 -15.79
N GLN B 41 17.59 26.35 -16.32
CA GLN B 41 18.50 26.07 -17.42
C GLN B 41 18.01 26.60 -18.75
N ILE B 42 16.69 26.72 -18.90
CA ILE B 42 16.14 27.15 -20.19
C ILE B 42 15.85 28.64 -20.13
N THR B 43 16.61 29.40 -20.93
CA THR B 43 16.57 30.88 -20.88
C THR B 43 16.30 31.58 -22.24
N ASN B 44 16.41 30.84 -23.34
CA ASN B 44 15.95 31.38 -24.63
C ASN B 44 15.10 30.35 -25.41
N GLU B 45 14.35 30.83 -26.41
CA GLU B 45 13.39 29.99 -27.17
C GLU B 45 14.03 29.07 -28.23
N GLU B 46 15.35 29.21 -28.41
CA GLU B 46 16.11 28.31 -29.29
C GLU B 46 16.71 27.11 -28.54
N GLN B 47 16.63 27.10 -27.22
CA GLN B 47 17.06 25.94 -26.44
C GLN B 47 16.01 24.83 -26.53
N ALA B 48 16.45 23.69 -27.06
CA ALA B 48 15.63 22.49 -27.09
C ALA B 48 15.60 21.91 -25.69
N LEU B 49 14.52 21.24 -25.35
CA LEU B 49 14.40 20.50 -24.09
C LEU B 49 15.54 19.49 -24.00
N THR B 50 15.84 18.84 -25.12
CA THR B 50 16.84 17.78 -25.14
C THR B 50 18.28 18.24 -24.98
N SER B 51 18.54 19.55 -25.05
CA SER B 51 19.90 20.09 -24.83
C SER B 51 20.24 20.33 -23.35
N ILE B 52 19.26 20.23 -22.44
CA ILE B 52 19.54 20.53 -21.03
C ILE B 52 19.98 19.26 -20.24
N ASP B 53 20.48 19.50 -19.02
CA ASP B 53 20.92 18.47 -18.09
C ASP B 53 19.68 17.95 -17.35
N PHE B 54 19.37 16.69 -17.58
CA PHE B 54 18.16 16.08 -17.02
C PHE B 54 18.32 15.49 -15.61
N ASN B 55 19.57 15.29 -15.19
CA ASN B 55 19.85 14.98 -13.78
C ASN B 55 19.53 16.19 -12.88
N ARG B 56 19.28 17.36 -13.49
CA ARG B 56 18.94 18.60 -12.78
C ARG B 56 17.50 19.10 -13.03
N VAL B 57 16.60 18.19 -13.39
CA VAL B 57 15.18 18.51 -13.55
C VAL B 57 14.39 18.17 -12.27
N ASN B 58 13.29 18.88 -12.07
CA ASN B 58 12.46 18.75 -10.87
C ASN B 58 13.19 19.01 -9.53
N PRO B 59 13.99 20.10 -9.44
CA PRO B 59 14.58 20.51 -8.16
C PRO B 59 13.53 20.92 -7.13
N ALA B 60 13.67 20.44 -5.89
CA ALA B 60 12.81 20.88 -4.80
C ALA B 60 13.68 21.51 -3.73
N THR B 61 13.23 22.61 -3.14
CA THR B 61 13.99 23.30 -2.14
C THR B 61 13.66 22.63 -0.78
N GLY B 62 14.68 22.32 0.01
CA GLY B 62 14.49 21.50 1.22
C GLY B 62 15.57 20.47 1.37
N PRO B 63 15.42 19.52 2.31
CA PRO B 63 14.26 19.28 3.16
C PRO B 63 14.20 20.14 4.44
N LEU B 64 12.99 20.44 4.91
CA LEU B 64 12.81 21.14 6.19
C LEU B 64 12.49 20.12 7.29
N TYR B 65 13.20 20.16 8.40
CA TYR B 65 12.84 19.34 9.57
C TYR B 65 11.85 20.09 10.46
N VAL B 66 10.65 19.54 10.59
CA VAL B 66 9.60 20.13 11.41
C VAL B 66 9.72 19.47 12.79
N GLU B 67 10.18 20.24 13.78
CA GLU B 67 10.39 19.64 15.12
C GLU B 67 9.04 19.44 15.80
N GLY B 68 8.88 18.29 16.45
CA GLY B 68 7.60 17.85 16.99
C GLY B 68 6.81 16.90 16.09
N ALA B 69 7.20 16.82 14.81
CA ALA B 69 6.63 15.87 13.83
C ALA B 69 7.27 14.49 13.98
N ARG B 70 6.45 13.50 14.28
CA ARG B 70 6.85 12.10 14.45
C ARG B 70 6.10 11.15 13.52
N ARG B 71 6.70 10.01 13.19
CA ARG B 71 6.04 9.00 12.37
C ARG B 71 4.56 8.84 12.73
N GLY B 72 3.68 8.76 11.71
CA GLY B 72 2.24 8.60 11.97
C GLY B 72 1.45 9.91 12.03
N ASP B 73 2.12 11.03 12.31
CA ASP B 73 1.49 12.37 12.33
C ASP B 73 1.11 12.86 10.90
N LEU B 75 1.41 16.64 8.46
CA LEU B 75 1.68 18.05 8.30
C LEU B 75 0.43 18.74 7.74
N GLU B 76 0.08 19.87 8.33
CA GLU B 76 -0.96 20.73 7.89
C GLU B 76 -0.23 21.97 7.39
N ILE B 77 -0.31 22.24 6.10
CA ILE B 77 0.58 23.25 5.47
C ILE B 77 -0.27 24.30 4.79
N GLU B 78 -0.25 25.49 5.39
CA GLU B 78 -1.01 26.62 4.91
C GLU B 78 -0.21 27.42 3.90
N ILE B 79 -0.69 27.45 2.66
CA ILE B 79 -0.03 28.17 1.60
CA ILE B 79 -0.04 28.17 1.60
C ILE B 79 -0.53 29.61 1.71
N LEU B 80 0.31 30.48 2.26
CA LEU B 80 -0.07 31.86 2.52
C LEU B 80 0.16 32.77 1.33
N ASP B 81 1.22 32.57 0.57
CA ASP B 81 1.46 33.38 -0.64
C ASP B 81 2.39 32.66 -1.59
N ILE B 82 2.17 32.86 -2.89
CA ILE B 82 3.15 32.44 -3.89
C ILE B 82 3.44 33.64 -4.76
N LYS B 83 4.73 33.98 -4.87
CA LYS B 83 5.19 35.06 -5.74
C LYS B 83 6.08 34.49 -6.84
N VAL B 84 5.69 34.71 -8.08
CA VAL B 84 6.42 34.15 -9.21
C VAL B 84 7.38 35.18 -9.83
N GLY B 85 8.40 34.69 -10.54
CA GLY B 85 9.32 35.56 -11.26
C GLY B 85 8.67 36.40 -12.36
N LYS B 86 9.46 36.89 -13.31
CA LYS B 86 8.92 37.79 -14.34
C LYS B 86 8.80 37.13 -15.71
N GLN B 87 9.26 35.90 -15.84
CA GLN B 87 9.16 35.20 -17.11
C GLN B 87 9.02 33.71 -16.91
N GLY B 88 8.03 33.14 -17.59
CA GLY B 88 7.77 31.70 -17.57
C GLY B 88 8.26 30.97 -18.79
N VAL B 89 8.22 29.64 -18.73
CA VAL B 89 8.70 28.79 -19.83
C VAL B 89 7.79 27.59 -20.05
N THR B 91 7.79 23.96 -22.84
CA THR B 91 8.41 23.14 -23.90
C THR B 91 7.43 22.08 -24.43
N ALA B 92 7.19 22.04 -25.73
CA ALA B 92 6.52 20.93 -26.41
C ALA B 92 7.60 20.05 -27.01
N ALA B 93 7.54 18.75 -26.75
CA ALA B 93 8.53 17.82 -27.26
C ALA B 93 7.84 16.57 -27.77
N PRO B 94 7.97 16.29 -29.07
CA PRO B 94 7.51 15.02 -29.63
C PRO B 94 7.91 13.81 -28.76
N GLY B 95 6.98 12.87 -28.61
CA GLY B 95 7.18 11.70 -27.75
C GLY B 95 7.00 11.90 -26.26
N LEU B 96 6.62 13.12 -25.84
CA LEU B 96 6.27 13.39 -24.46
C LEU B 96 4.84 13.98 -24.35
N GLY B 97 4.18 13.63 -23.25
CA GLY B 97 2.87 14.15 -22.90
C GLY B 97 1.72 13.48 -23.64
N ALA B 98 0.52 14.00 -23.42
CA ALA B 98 -0.68 13.41 -23.99
C ALA B 98 -0.77 13.64 -25.52
N LEU B 99 0.00 14.61 -26.04
CA LEU B 99 0.04 14.89 -27.49
C LEU B 99 1.35 14.43 -28.15
N GLY B 100 2.13 13.61 -27.46
CA GLY B 100 3.48 13.25 -27.96
C GLY B 100 3.50 12.68 -29.37
N GLU B 101 2.46 11.93 -29.71
CA GLU B 101 2.36 11.35 -31.05
C GLU B 101 2.01 12.41 -32.11
N SER B 102 1.42 13.54 -31.67
CA SER B 102 0.78 14.55 -32.53
C SER B 102 1.65 15.79 -32.81
N LEU B 103 2.66 16.00 -31.99
CA LEU B 103 3.56 17.13 -32.14
C LEU B 103 4.54 16.88 -33.30
N ASN B 104 4.90 17.94 -34.02
CA ASN B 104 5.73 17.79 -35.23
C ASN B 104 7.22 17.94 -34.94
N SER B 105 7.54 18.87 -34.04
CA SER B 105 8.93 19.22 -33.73
C SER B 105 9.05 19.86 -32.36
N PRO B 106 10.27 19.86 -31.76
CA PRO B 106 10.46 20.52 -30.45
C PRO B 106 10.32 22.06 -30.52
N THR B 107 9.67 22.64 -29.53
CA THR B 107 9.50 24.10 -29.45
C THR B 107 9.59 24.50 -28.01
N THR B 108 10.28 25.62 -27.76
CA THR B 108 10.31 26.26 -26.45
C THR B 108 9.69 27.65 -26.61
N LYS B 109 8.90 28.06 -25.61
CA LYS B 109 8.31 29.41 -25.59
C LYS B 109 8.48 30.11 -24.23
N LEU B 110 8.88 31.38 -24.27
CA LEU B 110 8.93 32.21 -23.07
C LEU B 110 7.65 33.04 -22.95
N PHE B 111 7.21 33.22 -21.70
CA PHE B 111 5.93 33.82 -21.38
C PHE B 111 6.18 34.97 -20.39
N PRO B 112 6.23 36.20 -20.88
CA PRO B 112 6.27 37.38 -20.00
C PRO B 112 5.16 37.39 -18.95
N ILE B 113 5.52 37.77 -17.72
CA ILE B 113 4.55 37.92 -16.63
C ILE B 113 4.33 39.42 -16.40
N GLU B 114 3.08 39.88 -16.58
CA GLU B 114 2.75 41.32 -16.57
C GLU B 114 1.52 41.66 -15.70
N GLY B 115 1.74 42.15 -14.50
CA GLY B 115 0.64 42.34 -13.58
C GLY B 115 0.10 40.97 -13.24
N ASP B 116 -1.19 40.77 -13.47
CA ASP B 116 -1.82 39.46 -13.25
C ASP B 116 -2.05 38.73 -14.57
N ASP B 117 -1.26 39.08 -15.59
CA ASP B 117 -1.34 38.46 -16.93
C ASP B 117 -0.12 37.60 -17.23
N VAL B 118 -0.37 36.42 -17.81
CA VAL B 118 0.70 35.62 -18.44
C VAL B 118 0.47 35.88 -19.92
N VAL B 119 1.44 36.55 -20.54
CA VAL B 119 1.37 36.93 -21.94
C VAL B 119 1.78 35.76 -22.86
N TYR B 120 0.76 35.18 -23.50
CA TYR B 120 0.94 34.08 -24.45
C TYR B 120 1.33 34.65 -25.85
N SER B 121 0.59 35.67 -26.29
CA SER B 121 0.85 36.37 -27.55
C SER B 121 0.34 37.79 -27.37
N THR B 122 0.42 38.62 -28.43
CA THR B 122 -0.08 40.01 -28.38
C THR B 122 -1.62 40.14 -28.15
N GLY B 123 -2.38 39.14 -28.56
CA GLY B 123 -3.84 39.16 -28.39
C GLY B 123 -4.43 38.18 -27.39
N LEU B 124 -3.59 37.33 -26.81
CA LEU B 124 -3.99 36.32 -25.84
C LEU B 124 -3.19 36.49 -24.54
N ARG B 125 -3.90 36.72 -23.45
CA ARG B 125 -3.29 36.78 -22.13
C ARG B 125 -4.03 35.82 -21.23
N LEU B 126 -3.28 34.99 -20.48
CA LEU B 126 -3.88 34.08 -19.51
C LEU B 126 -3.86 34.72 -18.10
N PRO B 127 -4.85 34.40 -17.25
CA PRO B 127 -4.75 34.92 -15.88
C PRO B 127 -3.63 34.21 -15.13
N LEU B 128 -2.79 34.99 -14.44
CA LEU B 128 -1.76 34.45 -13.56
C LEU B 128 -2.44 33.61 -12.48
N GLN B 129 -2.03 32.35 -12.33
CA GLN B 129 -2.61 31.51 -11.30
C GLN B 129 -1.50 30.68 -10.67
N PRO B 130 -0.81 31.29 -9.69
CA PRO B 130 0.33 30.60 -9.11
C PRO B 130 -0.07 29.39 -8.33
N ILE B 132 1.82 25.38 -6.75
CA ILE B 132 2.98 24.54 -6.45
C ILE B 132 2.82 23.15 -7.09
N GLY B 133 3.72 22.79 -7.98
CA GLY B 133 3.65 21.49 -8.66
C GLY B 133 4.17 20.35 -7.83
N VAL B 134 5.29 20.60 -7.17
CA VAL B 134 6.00 19.57 -6.42
C VAL B 134 5.96 19.99 -4.94
N ILE B 135 5.30 19.20 -4.11
CA ILE B 135 5.35 19.39 -2.66
C ILE B 135 5.24 17.99 -2.00
N GLY B 136 6.13 17.69 -1.06
CA GLY B 136 6.20 16.38 -0.49
C GLY B 136 7.01 16.23 0.78
N THR B 137 6.75 15.14 1.50
CA THR B 137 7.58 14.74 2.63
C THR B 137 8.37 13.44 2.26
N ALA B 138 9.23 12.93 3.15
CA ALA B 138 10.11 11.80 2.80
C ALA B 138 9.33 10.49 2.91
N PRO B 139 9.43 9.60 1.89
CA PRO B 139 8.89 8.26 2.03
C PRO B 139 9.66 7.47 3.08
N PRO B 140 9.01 6.49 3.73
CA PRO B 140 9.68 5.76 4.76
C PRO B 140 10.68 4.76 4.20
N GLY B 141 10.52 4.38 2.92
CA GLY B 141 11.33 3.39 2.27
C GLY B 141 12.38 3.95 1.33
N GLU B 142 12.27 3.63 0.06
CA GLU B 142 13.30 4.00 -0.91
C GLU B 142 13.02 5.41 -1.38
N PRO B 143 14.08 6.18 -1.73
CA PRO B 143 13.87 7.51 -2.30
C PRO B 143 13.06 7.43 -3.59
N ILE B 144 12.16 8.38 -3.77
CA ILE B 144 11.33 8.46 -4.95
C ILE B 144 11.70 9.77 -5.61
N ASN B 145 12.12 9.70 -6.88
CA ASN B 145 12.47 10.88 -7.69
C ASN B 145 11.37 11.96 -7.61
N ASN B 146 11.75 13.24 -7.52
CA ASN B 146 10.79 14.36 -7.43
C ASN B 146 9.71 14.34 -8.51
N GLY B 147 10.07 13.82 -9.70
CA GLY B 147 9.19 13.71 -10.87
C GLY B 147 8.01 12.77 -10.74
N THR B 148 8.06 11.85 -9.76
CA THR B 148 7.01 10.84 -9.52
C THR B 148 6.17 11.26 -8.28
N PRO B 149 4.83 11.32 -8.42
CA PRO B 149 3.97 11.58 -7.27
C PRO B 149 3.77 10.31 -6.47
N GLY B 150 3.28 10.44 -5.25
CA GLY B 150 3.01 9.28 -4.41
C GLY B 150 2.15 9.63 -3.20
N PRO B 151 2.03 8.68 -2.24
CA PRO B 151 1.35 8.94 -0.94
C PRO B 151 1.99 10.06 -0.12
N HIS B 152 3.27 10.32 -0.38
CA HIS B 152 4.09 11.35 0.26
C HIS B 152 3.93 12.76 -0.33
N GLY B 153 3.15 12.87 -1.41
CA GLY B 153 3.13 14.08 -2.26
C GLY B 153 3.99 13.92 -3.52
N GLY B 154 4.95 14.83 -3.71
CA GLY B 154 5.82 14.82 -4.86
C GLY B 154 5.21 15.55 -6.04
N ASN B 155 5.34 14.97 -7.23
CA ASN B 155 4.94 15.60 -8.49
C ASN B 155 3.41 15.50 -8.76
N LEU B 156 2.64 16.11 -7.86
CA LEU B 156 1.15 16.05 -7.87
C LEU B 156 0.50 16.87 -9.00
N ASP B 157 1.13 18.00 -9.30
CA ASP B 157 0.69 18.97 -10.30
C ASP B 157 -0.79 19.20 -10.22
N THR B 158 -1.23 19.66 -9.06
CA THR B 158 -2.65 19.79 -8.73
C THR B 158 -2.82 21.28 -8.59
N LYS B 159 -3.62 21.88 -9.48
CA LYS B 159 -3.81 23.31 -9.55
C LYS B 159 -4.47 23.97 -8.33
N ASP B 160 -5.13 23.16 -7.50
CA ASP B 160 -5.73 23.64 -6.25
C ASP B 160 -4.73 23.85 -5.10
N ILE B 161 -3.46 23.52 -5.34
CA ILE B 161 -2.35 23.78 -4.40
C ILE B 161 -1.77 25.15 -4.76
N LYS B 162 -2.40 26.17 -4.17
CA LYS B 162 -2.28 27.56 -4.59
C LYS B 162 -2.58 28.43 -3.38
N PRO B 163 -2.30 29.73 -3.45
CA PRO B 163 -2.50 30.49 -2.22
C PRO B 163 -3.89 30.28 -1.61
N GLY B 164 -3.93 30.16 -0.29
CA GLY B 164 -5.20 30.02 0.46
C GLY B 164 -5.67 28.59 0.66
N THR B 165 -4.93 27.65 0.09
CA THR B 165 -5.20 26.24 0.25
C THR B 165 -4.34 25.70 1.41
N THR B 166 -4.89 24.74 2.15
CA THR B 166 -4.18 23.99 3.17
C THR B 166 -3.95 22.61 2.58
N VAL B 167 -2.70 22.16 2.63
CA VAL B 167 -2.30 20.87 2.07
C VAL B 167 -1.95 19.93 3.24
N TYR B 168 -2.43 18.68 3.18
CA TYR B 168 -2.19 17.71 4.22
C TYR B 168 -1.27 16.60 3.68
N LEU B 169 -0.12 16.41 4.33
CA LEU B 169 0.88 15.44 3.89
C LEU B 169 1.27 14.51 5.06
N PRO B 170 1.65 13.26 4.78
CA PRO B 170 2.05 12.31 5.82
C PRO B 170 3.41 12.60 6.47
N VAL B 171 3.51 12.36 7.76
CA VAL B 171 4.80 12.20 8.42
C VAL B 171 5.07 10.73 8.50
N GLU B 172 6.00 10.25 7.69
CA GLU B 172 6.41 8.86 7.73
C GLU B 172 7.79 8.65 8.37
N VAL B 173 8.60 9.69 8.39
CA VAL B 173 9.82 9.68 9.17
C VAL B 173 9.81 10.91 10.08
N ASP B 174 10.48 10.80 11.23
CA ASP B 174 10.54 11.94 12.18
C ASP B 174 11.01 13.24 11.53
N GLY B 175 10.29 14.32 11.83
CA GLY B 175 10.52 15.61 11.19
C GLY B 175 9.89 15.79 9.81
N ALA B 176 9.37 14.72 9.22
CA ALA B 176 8.64 14.77 7.92
C ALA B 176 9.58 14.94 6.73
N LEU B 177 10.38 16.02 6.79
CA LEU B 177 11.30 16.41 5.71
C LEU B 177 10.53 16.94 4.51
N LEU B 178 10.07 18.19 4.64
CA LEU B 178 9.20 18.84 3.67
C LEU B 178 10.05 19.55 2.61
N ALA B 179 9.71 19.35 1.33
CA ALA B 179 10.40 19.89 0.19
C ALA B 179 9.37 20.32 -0.86
N LEU B 180 9.62 21.44 -1.54
CA LEU B 180 8.73 21.89 -2.61
C LEU B 180 9.48 22.60 -3.74
N GLY B 181 8.87 22.61 -4.91
CA GLY B 181 9.43 23.31 -6.07
C GLY B 181 8.42 23.31 -7.20
N ASP B 182 8.90 23.39 -8.43
CA ASP B 182 8.03 23.32 -9.60
C ASP B 182 6.83 24.27 -9.53
N LEU B 183 7.07 25.56 -9.37
CA LEU B 183 5.94 26.50 -9.39
C LEU B 183 5.50 26.69 -10.84
N HIS B 184 4.20 26.92 -11.03
CA HIS B 184 3.64 27.36 -12.31
C HIS B 184 2.93 28.71 -12.19
N ALA B 185 2.93 29.47 -13.27
CA ALA B 185 2.21 30.76 -13.35
C ALA B 185 0.80 30.54 -13.89
N ALA B 186 0.60 29.35 -14.47
CA ALA B 186 -0.68 28.97 -15.05
C ALA B 186 -0.56 27.49 -15.47
N GLY B 188 -3.71 24.13 -16.50
CA GLY B 188 -5.06 23.53 -16.36
C GLY B 188 -5.00 22.06 -15.97
N ASP B 189 -6.13 21.51 -15.53
CA ASP B 189 -6.23 20.09 -15.16
C ASP B 189 -5.73 19.23 -16.31
N GLY B 190 -4.89 18.25 -15.97
CA GLY B 190 -4.30 17.29 -16.91
C GLY B 190 -2.84 17.54 -17.29
N GLU B 191 -2.45 18.81 -17.30
CA GLU B 191 -1.11 19.27 -17.70
C GLU B 191 -0.70 18.57 -19.00
N ILE B 192 -1.65 18.53 -19.94
CA ILE B 192 -1.61 17.60 -21.06
C ILE B 192 -0.40 17.68 -22.02
N LEU B 193 0.27 18.82 -22.07
CA LEU B 193 1.42 19.01 -22.95
C LEU B 193 2.64 18.32 -22.39
N ILE B 194 2.77 18.36 -21.06
CA ILE B 194 3.90 17.80 -20.27
C ILE B 194 4.21 18.78 -19.13
N CYS B 195 3.93 20.06 -19.36
CA CYS B 195 4.29 21.15 -18.45
C CYS B 195 3.15 22.19 -18.30
N GLY B 196 3.24 23.00 -17.25
CA GLY B 196 2.49 24.27 -17.23
C GLY B 196 3.43 25.39 -17.63
N VAL B 197 3.12 26.63 -17.24
CA VAL B 197 4.04 27.72 -17.46
C VAL B 197 5.02 27.69 -16.29
N GLU B 198 6.20 27.16 -16.55
CA GLU B 198 7.19 26.85 -15.52
C GLU B 198 7.89 28.13 -15.07
N ILE B 199 8.07 28.31 -13.76
CA ILE B 199 8.58 29.58 -13.26
C ILE B 199 9.27 29.42 -11.89
N ALA B 200 10.28 30.26 -11.63
CA ALA B 200 10.89 30.34 -10.30
C ALA B 200 10.10 31.32 -9.48
N GLY B 201 10.24 31.24 -8.15
CA GLY B 201 9.46 32.10 -7.29
C GLY B 201 9.73 31.79 -5.84
N THR B 202 8.88 32.37 -4.98
CA THR B 202 8.98 32.13 -3.56
C THR B 202 7.62 31.73 -3.02
N VAL B 203 7.61 30.81 -2.07
CA VAL B 203 6.41 30.31 -1.41
C VAL B 203 6.50 30.60 0.07
N THR B 204 5.47 31.22 0.61
CA THR B 204 5.33 31.45 2.03
C THR B 204 4.22 30.52 2.54
N LEU B 205 4.59 29.71 3.55
CA LEU B 205 3.68 28.76 4.15
C LEU B 205 3.85 28.71 5.66
N LYS B 206 2.80 28.29 6.35
CA LYS B 206 2.83 27.98 7.78
C LYS B 206 2.65 26.47 7.92
N VAL B 207 3.55 25.86 8.70
CA VAL B 207 3.64 24.42 8.85
C VAL B 207 3.18 24.01 10.25
N ASN B 208 2.10 23.23 10.31
CA ASN B 208 1.53 22.83 11.58
C ASN B 208 1.63 21.32 11.69
N VAL B 209 2.02 20.84 12.87
CA VAL B 209 2.05 19.40 13.11
C VAL B 209 0.69 19.01 13.69
N LYS B 210 0.08 18.00 13.09
CA LYS B 210 -1.15 17.40 13.56
C LYS B 210 -0.90 15.97 13.99
N LYS B 211 -1.16 15.70 15.28
CA LYS B 211 -0.85 14.42 15.89
C LYS B 211 -1.87 13.36 15.51
N GLU B 212 -3.04 13.76 15.05
CA GLU B 212 -4.07 12.83 14.62
C GLU B 212 -4.17 12.88 13.12
N ARG B 213 -3.98 11.72 12.47
CA ARG B 213 -4.18 11.62 11.01
C ARG B 213 -5.64 11.27 10.66
N PHE B 215 -7.58 11.60 7.86
CA PHE B 215 -8.01 11.13 6.53
C PHE B 215 -6.87 10.60 5.66
N PRO B 216 -7.23 9.91 4.57
CA PRO B 216 -6.21 9.43 3.63
C PRO B 216 -5.51 10.59 2.92
N LEU B 217 -4.22 10.41 2.68
CA LEU B 217 -3.35 11.47 2.23
C LEU B 217 -2.70 11.07 0.90
N PRO B 218 -2.25 12.05 0.09
CA PRO B 218 -2.36 13.48 0.29
C PRO B 218 -3.80 13.98 0.27
N ALA B 219 -4.03 15.14 0.87
CA ALA B 219 -5.29 15.80 0.74
C ALA B 219 -5.12 17.32 0.81
N LEU B 220 -6.16 18.05 0.43
CA LEU B 220 -6.15 19.50 0.60
C LEU B 220 -7.52 20.07 0.97
N LYS B 221 -7.50 21.32 1.36
CA LYS B 221 -8.71 22.04 1.76
C LYS B 221 -8.53 23.45 1.24
N THR B 222 -9.40 23.84 0.30
CA THR B 222 -9.50 25.22 -0.14
C THR B 222 -10.40 25.94 0.87
N ASP B 223 -10.79 27.17 0.56
CA ASP B 223 -11.74 27.86 1.43
C ASP B 223 -13.18 27.34 1.33
N THR B 224 -13.48 26.47 0.35
CA THR B 224 -14.85 25.93 0.14
C THR B 224 -14.96 24.40 0.03
N HIS B 225 -13.87 23.74 -0.34
CA HIS B 225 -13.89 22.32 -0.67
C HIS B 225 -12.80 21.52 0.01
N PHE B 226 -13.10 20.25 0.26
CA PHE B 226 -12.14 19.26 0.71
C PHE B 226 -11.91 18.25 -0.41
N THR B 228 -9.46 14.65 -1.61
CA THR B 228 -8.54 13.53 -1.42
C THR B 228 -7.78 13.32 -2.73
N ILE B 229 -6.49 13.06 -2.63
CA ILE B 229 -5.63 12.92 -3.81
C ILE B 229 -5.04 11.49 -3.82
N ALA B 230 -4.96 10.90 -5.00
CA ALA B 230 -4.36 9.60 -5.17
C ALA B 230 -3.59 9.60 -6.48
N SER B 231 -2.44 8.92 -6.50
CA SER B 231 -1.67 8.75 -7.72
C SER B 231 -1.49 7.26 -8.02
N ALA B 232 -1.41 6.93 -9.30
CA ALA B 232 -1.37 5.54 -9.71
C ALA B 232 -0.83 5.40 -11.14
N GLU B 233 -0.52 4.16 -11.54
CA GLU B 233 0.02 3.87 -12.88
CA GLU B 233 0.04 3.92 -12.87
C GLU B 233 -0.94 4.31 -13.98
N THR B 234 -2.24 4.09 -13.76
CA THR B 234 -3.32 4.56 -14.65
C THR B 234 -4.17 5.66 -13.99
N LEU B 235 -4.75 6.55 -14.79
CA LEU B 235 -5.71 7.54 -14.32
C LEU B 235 -6.95 6.87 -13.76
N ASP B 236 -7.33 5.76 -14.40
CA ASP B 236 -8.45 4.94 -14.00
C ASP B 236 -8.31 4.52 -12.52
N ALA B 237 -7.19 3.87 -12.21
CA ALA B 237 -6.85 3.45 -10.84
C ALA B 237 -6.67 4.61 -9.85
N ALA B 238 -6.11 5.72 -10.30
CA ALA B 238 -5.96 6.91 -9.46
C ALA B 238 -7.36 7.52 -9.15
N ALA B 239 -8.22 7.55 -10.15
CA ALA B 239 -9.61 8.05 -10.03
C ALA B 239 -10.40 7.22 -9.01
N VAL B 240 -10.26 5.90 -9.12
CA VAL B 240 -10.92 4.99 -8.21
C VAL B 240 -10.38 5.09 -6.74
N GLN B 241 -9.08 5.26 -6.58
CA GLN B 241 -8.49 5.32 -5.24
C GLN B 241 -8.82 6.65 -4.56
N ALA B 242 -8.81 7.74 -5.33
CA ALA B 242 -9.15 9.07 -4.80
C ALA B 242 -10.62 9.12 -4.30
N THR B 243 -11.52 8.58 -5.10
CA THR B 243 -12.91 8.37 -4.75
C THR B 243 -13.12 7.49 -3.49
N LYS B 244 -12.46 6.32 -3.45
CA LYS B 244 -12.50 5.40 -2.31
C LYS B 244 -11.99 6.01 -1.03
N ASN B 245 -10.89 6.79 -1.11
CA ASN B 245 -10.39 7.56 0.02
C ASN B 245 -11.45 8.51 0.63
N ALA B 247 -14.84 8.30 0.17
CA ALA B 247 -15.98 7.45 0.61
C ALA B 247 -15.70 6.77 1.95
N THR B 248 -14.56 6.14 2.06
CA THR B 248 -14.23 5.41 3.25
C THR B 248 -14.04 6.36 4.44
N PHE B 249 -13.39 7.51 4.23
CA PHE B 249 -13.30 8.60 5.23
C PHE B 249 -14.69 9.12 5.71
N LEU B 250 -15.55 9.44 4.75
CA LEU B 250 -16.89 9.95 5.04
C LEU B 250 -17.79 8.85 5.68
N ALA B 251 -17.63 7.58 5.31
CA ALA B 251 -18.33 6.51 6.00
C ALA B 251 -17.77 6.37 7.40
N ASN B 252 -16.44 6.23 7.49
CA ASN B 252 -15.78 6.01 8.77
C ASN B 252 -16.05 7.08 9.82
N ARG B 253 -16.07 8.35 9.41
CA ARG B 253 -16.15 9.48 10.36
C ARG B 253 -17.54 10.07 10.57
N THR B 254 -18.54 9.55 9.86
CA THR B 254 -19.91 10.07 9.86
CA THR B 254 -19.90 10.08 9.98
C THR B 254 -20.94 8.97 10.12
N ALA B 255 -22.15 9.41 10.43
CA ALA B 255 -23.30 8.54 10.58
C ALA B 255 -23.70 7.87 9.26
N LEU B 256 -23.10 8.30 8.16
CA LEU B 256 -23.41 7.70 6.88
C LEU B 256 -22.83 6.30 6.81
N SER B 257 -23.56 5.40 6.16
CA SER B 257 -23.02 4.12 5.71
C SER B 257 -22.16 4.33 4.48
N ILE B 258 -21.45 3.28 4.07
CA ILE B 258 -20.61 3.33 2.88
C ILE B 258 -21.49 3.52 1.66
N GLU B 259 -22.70 2.98 1.72
CA GLU B 259 -23.70 3.18 0.66
C GLU B 259 -24.18 4.64 0.61
N GLU B 260 -24.48 5.22 1.77
CA GLU B 260 -24.93 6.62 1.82
C GLU B 260 -23.81 7.59 1.45
N ALA B 261 -22.59 7.27 1.86
CA ALA B 261 -21.40 8.02 1.42
C ALA B 261 -21.23 8.01 -0.13
N GLY B 262 -21.35 6.84 -0.75
CA GLY B 262 -21.25 6.71 -2.20
C GLY B 262 -22.28 7.56 -2.94
N LEU B 264 -23.96 10.37 -1.78
CA LEU B 264 -23.59 11.78 -1.64
C LEU B 264 -22.45 12.15 -2.63
N LEU B 265 -21.41 11.32 -2.72
CA LEU B 265 -20.27 11.56 -3.63
C LEU B 265 -20.71 11.57 -5.09
N SER B 266 -21.50 10.58 -5.46
CA SER B 266 -21.97 10.46 -6.84
C SER B 266 -22.96 11.57 -7.19
N GLY B 267 -23.66 12.06 -6.17
CA GLY B 267 -24.67 13.11 -6.36
C GLY B 267 -24.14 14.53 -6.25
N ALA B 268 -23.19 14.75 -5.36
CA ALA B 268 -22.79 16.11 -4.99
C ALA B 268 -21.28 16.34 -5.01
N GLY B 269 -20.49 15.30 -5.30
CA GLY B 269 -19.04 15.40 -5.27
C GLY B 269 -18.58 15.41 -6.71
N ASP B 270 -17.31 15.74 -6.95
CA ASP B 270 -16.76 15.71 -8.32
C ASP B 270 -15.37 15.09 -8.36
N LEU B 271 -15.14 14.24 -9.35
CA LEU B 271 -13.84 13.68 -9.58
C LEU B 271 -13.13 14.55 -10.61
N TYR B 272 -11.94 15.01 -10.25
CA TYR B 272 -11.11 15.80 -11.13
C TYR B 272 -9.79 15.08 -11.47
N VAL B 273 -9.16 15.58 -12.52
CA VAL B 273 -7.90 15.08 -13.05
C VAL B 273 -6.85 16.10 -12.63
N SER B 274 -5.80 15.68 -11.96
CA SER B 274 -4.68 16.59 -11.74
C SER B 274 -3.74 16.65 -12.94
N GLN B 275 -3.13 15.52 -13.27
CA GLN B 275 -2.20 15.45 -14.38
C GLN B 275 -2.18 14.07 -14.95
N ILE B 276 -2.04 13.98 -16.27
CA ILE B 276 -1.94 12.67 -16.95
C ILE B 276 -0.57 12.42 -17.58
N VAL B 277 0.46 13.16 -17.19
CA VAL B 277 1.73 13.18 -17.92
C VAL B 277 2.95 12.67 -17.15
N ASN B 278 2.87 12.53 -15.83
CA ASN B 278 4.04 12.12 -15.03
C ASN B 278 4.06 10.60 -14.93
N PRO B 279 5.17 10.02 -14.43
CA PRO B 279 5.27 8.55 -14.41
C PRO B 279 4.13 7.81 -13.68
N LEU B 280 3.51 8.47 -12.70
CA LEU B 280 2.25 8.04 -12.14
C LEU B 280 1.28 9.17 -12.44
N LYS B 281 0.03 8.82 -12.70
CA LYS B 281 -0.96 9.84 -13.03
C LYS B 281 -1.65 10.22 -11.74
N THR B 282 -2.27 11.39 -11.70
CA THR B 282 -2.87 11.90 -10.47
C THR B 282 -4.30 12.43 -10.67
N ALA B 283 -5.15 11.99 -9.75
CA ALA B 283 -6.55 12.44 -9.68
C ALA B 283 -6.89 12.96 -8.29
N ARG B 284 -8.00 13.68 -8.19
CA ARG B 284 -8.55 14.07 -6.88
C ARG B 284 -10.08 14.06 -6.86
N PHE B 285 -10.61 13.70 -5.70
CA PHE B 285 -12.03 13.78 -5.47
C PHE B 285 -12.34 14.94 -4.51
N SER B 286 -13.25 15.83 -4.95
CA SER B 286 -13.72 17.04 -4.23
C SER B 286 -15.15 16.97 -3.71
N LEU B 287 -15.34 17.32 -2.44
CA LEU B 287 -16.64 17.51 -1.84
C LEU B 287 -16.67 18.83 -1.03
N ALA B 288 -17.74 19.62 -1.15
CA ALA B 288 -17.84 20.90 -0.44
C ALA B 288 -17.78 20.79 1.08
N LEU B 289 -17.03 21.69 1.72
CA LEU B 289 -16.88 21.70 3.20
C LEU B 289 -18.21 21.70 3.97
N HIS B 290 -19.24 22.32 3.38
CA HIS B 290 -20.47 22.50 4.13
C HIS B 290 -21.20 21.17 4.35
N TYR B 291 -20.95 20.18 3.48
CA TYR B 291 -21.46 18.82 3.70
C TYR B 291 -20.82 18.19 4.93
N PHE B 292 -19.51 18.42 5.09
CA PHE B 292 -18.78 17.98 6.28
C PHE B 292 -19.28 18.64 7.56
N GLU B 293 -19.50 19.94 7.51
CA GLU B 293 -20.07 20.66 8.64
C GLU B 293 -21.47 20.15 8.98
N LYS B 294 -22.33 20.01 7.97
CA LYS B 294 -23.65 19.40 8.17
C LYS B 294 -23.57 17.98 8.77
N LEU B 295 -22.53 17.22 8.45
CA LEU B 295 -22.33 15.85 8.97
C LEU B 295 -21.53 15.78 10.29
N GLY B 296 -21.14 16.93 10.83
CA GLY B 296 -20.42 17.03 12.09
C GLY B 296 -18.92 16.75 12.05
N VAL B 297 -18.30 16.91 10.89
CA VAL B 297 -16.86 16.69 10.75
C VAL B 297 -16.10 18.02 10.68
N ILE C 3 -44.42 20.35 -31.37
CA ILE C 3 -43.84 19.00 -31.57
C ILE C 3 -43.39 18.47 -30.21
N ARG C 4 -44.20 17.56 -29.67
CA ARG C 4 -43.91 16.89 -28.41
C ARG C 4 -43.78 15.37 -28.64
N LEU C 5 -42.65 14.80 -28.20
CA LEU C 5 -42.45 13.34 -28.17
C LEU C 5 -42.78 12.77 -26.77
N SER C 6 -43.74 11.85 -26.69
CA SER C 6 -44.16 11.31 -25.40
C SER C 6 -43.26 10.16 -24.99
N ASN C 7 -43.24 9.88 -23.68
CA ASN C 7 -42.31 8.89 -23.11
C ASN C 7 -42.74 7.45 -23.35
N GLU C 8 -43.79 7.28 -24.16
CA GLU C 8 -44.30 5.96 -24.54
C GLU C 8 -43.60 5.51 -25.83
N ASN C 9 -42.85 6.44 -26.44
CA ASN C 9 -42.13 6.20 -27.68
C ASN C 9 -40.63 5.98 -27.40
N THR C 10 -40.31 4.86 -26.76
CA THR C 10 -38.94 4.65 -26.25
C THR C 10 -38.14 3.50 -26.91
N ILE C 11 -36.89 3.80 -27.22
CA ILE C 11 -35.98 2.82 -27.79
C ILE C 11 -34.89 2.47 -26.76
N PHE C 12 -34.23 1.34 -26.96
CA PHE C 12 -33.16 0.86 -26.07
C PHE C 12 -31.78 0.75 -26.76
N PHE C 13 -31.79 0.96 -28.09
CA PHE C 13 -30.61 1.00 -28.94
C PHE C 13 -30.62 2.23 -29.85
N ASP C 15 -30.04 2.90 -33.34
CA ASP C 15 -30.18 1.99 -34.47
C ASP C 15 -30.73 2.78 -35.68
N LYS C 16 -30.03 2.66 -36.80
CA LYS C 16 -30.43 3.32 -38.05
C LYS C 16 -31.80 2.81 -38.56
N GLU C 17 -32.21 1.64 -38.10
CA GLU C 17 -33.48 1.04 -38.54
C GLU C 17 -34.68 1.29 -37.62
N ASN C 18 -34.48 1.98 -36.50
CA ASN C 18 -35.59 2.42 -35.66
C ASN C 18 -36.45 3.36 -36.51
N VAL C 19 -37.75 3.11 -36.57
CA VAL C 19 -38.67 3.92 -37.35
C VAL C 19 -38.90 5.24 -36.60
N PRO C 20 -38.73 6.40 -37.28
CA PRO C 20 -38.93 7.66 -36.58
C PRO C 20 -40.33 7.79 -35.98
N ILE C 21 -40.41 8.45 -34.83
CA ILE C 21 -41.68 8.68 -34.16
C ILE C 21 -42.18 10.09 -34.44
N ALA C 22 -41.31 10.94 -34.98
CA ALA C 22 -41.67 12.30 -35.32
C ALA C 22 -40.62 12.93 -36.24
N SER C 23 -41.04 13.92 -37.01
CA SER C 23 -40.12 14.69 -37.81
C SER C 23 -40.09 16.13 -37.40
N CYS C 24 -39.07 16.84 -37.89
CA CYS C 24 -39.00 18.28 -37.75
C CYS C 24 -38.14 18.88 -38.85
N GLN C 25 -38.23 20.20 -38.98
CA GLN C 25 -37.31 20.97 -39.82
C GLN C 25 -36.18 21.51 -38.93
N SER C 26 -35.04 21.78 -39.55
CA SER C 26 -33.93 22.47 -38.90
C SER C 26 -34.39 23.81 -38.31
N GLY C 27 -34.00 24.09 -37.07
CA GLY C 27 -34.48 25.27 -36.36
C GLY C 27 -35.76 25.11 -35.56
N ASP C 28 -36.40 23.94 -35.63
CA ASP C 28 -37.63 23.69 -34.86
C ASP C 28 -37.34 23.42 -33.38
N THR C 29 -38.32 23.74 -32.53
CA THR C 29 -38.31 23.36 -31.10
C THR C 29 -39.08 22.04 -30.93
N VAL C 30 -38.50 21.14 -30.15
CA VAL C 30 -39.04 19.81 -29.98
C VAL C 30 -39.00 19.50 -28.49
N ILE C 31 -40.10 19.00 -27.96
CA ILE C 31 -40.21 18.52 -26.59
C ILE C 31 -40.07 17.00 -26.50
N PHE C 32 -39.16 16.51 -25.67
CA PHE C 32 -38.99 15.06 -25.44
C PHE C 32 -39.44 14.70 -24.01
N GLU C 33 -40.45 13.84 -23.86
CA GLU C 33 -40.78 13.30 -22.53
C GLU C 33 -40.00 12.05 -22.26
N THR C 34 -39.47 11.93 -21.05
CA THR C 34 -38.57 10.84 -20.71
C THR C 34 -39.14 9.99 -19.56
N LYS C 35 -38.84 8.68 -19.56
CA LYS C 35 -38.90 7.87 -18.35
C LYS C 35 -37.51 7.93 -17.69
N ASP C 36 -37.41 7.59 -16.41
CA ASP C 36 -36.08 7.51 -15.79
C ASP C 36 -35.39 6.25 -16.34
N CYS C 37 -34.09 6.09 -16.06
CA CYS C 37 -33.34 5.06 -16.78
C CYS C 37 -33.61 3.65 -16.29
N PHE C 38 -34.46 3.52 -15.27
CA PHE C 38 -35.00 2.22 -14.88
C PHE C 38 -36.36 1.96 -15.53
N SER C 39 -36.73 2.81 -16.51
CA SER C 39 -38.06 2.79 -17.13
C SER C 39 -39.13 2.96 -16.04
N ASP C 40 -38.79 3.74 -15.01
CA ASP C 40 -39.70 4.10 -13.92
C ASP C 40 -40.19 2.87 -13.14
N GLN C 41 -39.35 1.84 -13.10
CA GLN C 41 -39.69 0.59 -12.42
C GLN C 41 -39.53 0.70 -10.90
N ILE C 42 -38.49 1.40 -10.45
CA ILE C 42 -38.22 1.53 -9.03
C ILE C 42 -39.03 2.69 -8.42
N THR C 43 -40.02 2.33 -7.60
CA THR C 43 -40.92 3.33 -7.02
C THR C 43 -40.93 3.31 -5.49
N ASN C 44 -40.15 2.43 -4.87
CA ASN C 44 -40.01 2.49 -3.42
C ASN C 44 -38.67 1.97 -2.91
N GLU C 45 -38.39 2.29 -1.65
CA GLU C 45 -37.09 2.09 -1.04
C GLU C 45 -36.77 0.67 -0.61
N GLU C 46 -37.77 -0.16 -0.35
CA GLU C 46 -37.50 -1.59 -0.12
C GLU C 46 -37.50 -2.42 -1.44
N GLN C 47 -37.53 -1.73 -2.58
CA GLN C 47 -37.39 -2.37 -3.89
C GLN C 47 -35.91 -2.49 -4.27
N ALA C 48 -35.45 -3.72 -4.52
CA ALA C 48 -34.05 -3.97 -4.88
C ALA C 48 -33.77 -3.62 -6.34
N LEU C 49 -32.48 -3.43 -6.66
CA LEU C 49 -32.06 -3.11 -8.05
C LEU C 49 -32.19 -4.34 -8.95
N THR C 50 -31.83 -5.50 -8.39
CA THR C 50 -31.87 -6.78 -9.11
C THR C 50 -33.32 -7.28 -9.30
N SER C 51 -34.26 -6.64 -8.61
CA SER C 51 -35.70 -6.91 -8.71
C SER C 51 -36.28 -6.62 -10.10
N ILE C 52 -36.02 -5.40 -10.59
CA ILE C 52 -36.65 -4.90 -11.82
C ILE C 52 -36.22 -5.67 -13.10
N ASP C 53 -36.94 -5.43 -14.20
CA ASP C 53 -36.60 -5.98 -15.53
C ASP C 53 -35.51 -5.12 -16.19
N PHE C 54 -34.31 -5.68 -16.27
CA PHE C 54 -33.14 -4.98 -16.81
C PHE C 54 -33.11 -4.89 -18.35
N ASN C 55 -34.02 -5.59 -19.02
CA ASN C 55 -34.22 -5.40 -20.46
C ASN C 55 -34.65 -3.98 -20.79
N ARG C 56 -35.45 -3.38 -19.91
CA ARG C 56 -36.02 -2.05 -20.13
C ARG C 56 -35.23 -0.90 -19.47
N VAL C 57 -33.92 -1.09 -19.32
CA VAL C 57 -33.06 -0.09 -18.68
C VAL C 57 -32.46 0.83 -19.75
N ASN C 58 -32.41 2.14 -19.46
CA ASN C 58 -31.94 3.17 -20.39
C ASN C 58 -32.84 3.42 -21.58
N PRO C 59 -34.13 3.73 -21.33
CA PRO C 59 -35.00 4.16 -22.43
C PRO C 59 -34.63 5.56 -22.91
N ALA C 60 -34.51 5.72 -24.22
CA ALA C 60 -34.38 7.03 -24.84
C ALA C 60 -35.70 7.30 -25.55
N THR C 61 -36.21 8.53 -25.44
CA THR C 61 -37.38 8.93 -26.21
C THR C 61 -36.89 9.30 -27.61
N GLY C 62 -37.43 8.63 -28.63
CA GLY C 62 -37.12 8.91 -30.03
C GLY C 62 -37.42 7.75 -30.96
N PRO C 63 -36.76 7.71 -32.14
CA PRO C 63 -35.84 8.73 -32.65
C PRO C 63 -36.59 9.81 -33.44
N LEU C 64 -36.06 11.03 -33.44
CA LEU C 64 -36.61 12.12 -34.22
C LEU C 64 -35.88 12.22 -35.53
N TYR C 65 -36.63 12.28 -36.63
CA TYR C 65 -36.04 12.48 -37.96
C TYR C 65 -35.94 13.97 -38.27
N VAL C 66 -34.73 14.46 -38.50
CA VAL C 66 -34.51 15.88 -38.72
C VAL C 66 -34.36 16.11 -40.24
N GLU C 67 -35.37 16.73 -40.84
CA GLU C 67 -35.39 16.90 -42.29
C GLU C 67 -34.31 17.87 -42.73
N GLY C 68 -33.56 17.44 -43.73
CA GLY C 68 -32.45 18.25 -44.24
C GLY C 68 -31.12 17.79 -43.71
N ALA C 69 -31.12 17.03 -42.60
CA ALA C 69 -29.94 16.37 -42.05
C ALA C 69 -29.56 15.22 -42.96
N ARG C 70 -28.32 15.28 -43.44
CA ARG C 70 -27.73 14.28 -44.33
C ARG C 70 -26.41 13.79 -43.78
N ARG C 71 -26.04 12.56 -44.12
CA ARG C 71 -24.82 11.92 -43.66
C ARG C 71 -23.64 12.84 -43.86
N GLY C 72 -22.89 13.04 -42.79
CA GLY C 72 -21.78 13.98 -42.81
C GLY C 72 -22.07 15.33 -42.19
N ASP C 73 -23.34 15.69 -42.02
CA ASP C 73 -23.73 16.93 -41.37
C ASP C 73 -23.57 16.80 -39.86
N LEU C 75 -25.61 17.89 -36.02
CA LEU C 75 -26.74 18.50 -35.36
C LEU C 75 -26.19 19.44 -34.30
N GLU C 76 -26.76 20.63 -34.25
CA GLU C 76 -26.53 21.59 -33.21
C GLU C 76 -27.79 21.59 -32.37
N ILE C 77 -27.68 21.13 -31.13
CA ILE C 77 -28.86 20.89 -30.27
C ILE C 77 -28.79 21.77 -29.02
N GLU C 78 -29.63 22.78 -29.00
CA GLU C 78 -29.62 23.77 -27.92
C GLU C 78 -30.60 23.30 -26.87
N ILE C 79 -30.12 23.05 -25.66
CA ILE C 79 -30.99 22.61 -24.57
C ILE C 79 -31.58 23.88 -23.95
N LEU C 80 -32.88 24.10 -24.18
CA LEU C 80 -33.58 25.31 -23.73
C LEU C 80 -34.12 25.14 -22.31
N ASP C 81 -34.51 23.92 -21.96
CA ASP C 81 -35.11 23.66 -20.68
C ASP C 81 -35.12 22.17 -20.32
N ILE C 82 -34.98 21.90 -19.04
CA ILE C 82 -35.15 20.56 -18.51
C ILE C 82 -36.04 20.68 -17.27
N LYS C 83 -37.24 20.13 -17.34
CA LYS C 83 -38.12 20.01 -16.15
C LYS C 83 -38.06 18.57 -15.71
N VAL C 84 -37.95 18.37 -14.40
CA VAL C 84 -37.87 17.04 -13.81
C VAL C 84 -39.10 16.73 -12.93
N GLY C 85 -39.35 15.46 -12.67
CA GLY C 85 -40.42 15.03 -11.77
C GLY C 85 -40.25 15.41 -10.29
N LYS C 86 -41.07 14.80 -9.45
CA LYS C 86 -41.15 15.12 -8.01
C LYS C 86 -40.26 14.22 -7.15
N GLN C 87 -39.66 13.20 -7.75
CA GLN C 87 -38.95 12.21 -6.97
C GLN C 87 -37.86 11.48 -7.77
N GLY C 88 -36.63 11.55 -7.26
CA GLY C 88 -35.50 10.81 -7.82
C GLY C 88 -35.06 9.57 -7.05
N VAL C 89 -34.28 8.72 -7.72
CA VAL C 89 -33.86 7.40 -7.22
C VAL C 89 -32.36 7.20 -7.43
N THR C 91 -29.41 3.95 -6.66
CA THR C 91 -29.21 2.54 -6.35
C THR C 91 -27.71 2.29 -6.14
N ALA C 92 -27.35 1.69 -5.01
CA ALA C 92 -25.99 1.24 -4.72
C ALA C 92 -25.97 -0.28 -4.72
N ALA C 93 -24.97 -0.89 -5.37
CA ALA C 93 -24.84 -2.36 -5.38
C ALA C 93 -23.37 -2.83 -5.40
N PRO C 94 -22.98 -3.73 -4.46
CA PRO C 94 -21.65 -4.32 -4.47
C PRO C 94 -21.26 -4.85 -5.85
N GLY C 95 -20.02 -4.59 -6.26
CA GLY C 95 -19.52 -5.01 -7.58
C GLY C 95 -20.03 -4.21 -8.76
N LEU C 96 -20.71 -3.09 -8.50
CA LEU C 96 -21.06 -2.11 -9.52
C LEU C 96 -20.48 -0.76 -9.15
N GLY C 97 -20.07 0.00 -10.17
CA GLY C 97 -19.63 1.37 -10.01
C GLY C 97 -18.20 1.43 -9.51
N ALA C 98 -17.71 2.65 -9.28
CA ALA C 98 -16.31 2.89 -8.89
C ALA C 98 -15.97 2.41 -7.47
N LEU C 99 -16.96 2.44 -6.57
CA LEU C 99 -16.78 1.93 -5.19
C LEU C 99 -17.15 0.45 -5.07
N GLY C 100 -17.40 -0.22 -6.19
CA GLY C 100 -17.91 -1.59 -6.21
C GLY C 100 -17.33 -2.50 -5.15
N GLU C 101 -16.01 -2.37 -4.95
CA GLU C 101 -15.28 -3.25 -4.02
C GLU C 101 -15.37 -2.79 -2.56
N SER C 102 -15.90 -1.58 -2.34
CA SER C 102 -16.01 -1.02 -0.99
C SER C 102 -17.42 -1.20 -0.40
N LEU C 103 -18.42 -1.53 -1.21
CA LEU C 103 -19.82 -1.60 -0.76
C LEU C 103 -20.15 -3.00 -0.23
N ASN C 104 -21.14 -3.11 0.64
CA ASN C 104 -21.51 -4.41 1.22
C ASN C 104 -22.97 -4.88 1.04
N SER C 105 -23.92 -3.96 1.11
CA SER C 105 -25.34 -4.28 1.03
C SER C 105 -26.03 -3.52 -0.12
N PRO C 106 -26.70 -4.24 -1.03
CA PRO C 106 -27.53 -3.50 -1.98
C PRO C 106 -28.44 -2.51 -1.24
N THR C 107 -28.69 -1.35 -1.83
CA THR C 107 -29.41 -0.27 -1.16
C THR C 107 -30.08 0.63 -2.17
N THR C 108 -31.31 1.04 -1.87
CA THR C 108 -32.04 1.98 -2.70
C THR C 108 -32.40 3.17 -1.83
N LYS C 109 -32.53 4.35 -2.45
CA LYS C 109 -32.96 5.54 -1.75
C LYS C 109 -33.69 6.43 -2.71
N LEU C 110 -34.75 7.06 -2.20
CA LEU C 110 -35.63 7.95 -2.97
C LEU C 110 -35.36 9.37 -2.52
N PHE C 111 -35.45 10.30 -3.47
CA PHE C 111 -35.03 11.69 -3.27
C PHE C 111 -36.16 12.65 -3.63
N PRO C 112 -36.86 13.18 -2.62
CA PRO C 112 -37.77 14.30 -2.86
C PRO C 112 -37.10 15.48 -3.58
N ILE C 113 -37.74 15.94 -4.66
CA ILE C 113 -37.41 17.19 -5.29
C ILE C 113 -38.31 18.28 -4.68
N GLU C 114 -37.70 19.29 -4.05
CA GLU C 114 -38.44 20.34 -3.36
C GLU C 114 -37.93 21.72 -3.76
N GLY C 115 -38.61 22.30 -4.75
CA GLY C 115 -38.18 23.55 -5.35
C GLY C 115 -36.81 23.39 -5.99
N ASP C 116 -35.89 24.27 -5.59
CA ASP C 116 -34.50 24.30 -6.08
C ASP C 116 -33.59 23.21 -5.47
N ASP C 117 -34.20 22.24 -4.74
CA ASP C 117 -33.48 21.28 -3.88
C ASP C 117 -33.83 19.79 -4.07
N VAL C 118 -32.80 18.97 -4.13
CA VAL C 118 -32.91 17.52 -4.11
C VAL C 118 -32.63 17.16 -2.64
N VAL C 119 -33.65 16.67 -1.94
CA VAL C 119 -33.56 16.46 -0.48
C VAL C 119 -32.85 15.13 -0.23
N TYR C 120 -31.61 15.19 0.25
CA TYR C 120 -30.85 13.98 0.65
C TYR C 120 -31.35 13.44 2.00
N SER C 121 -31.52 14.32 2.97
CA SER C 121 -31.96 13.90 4.30
C SER C 121 -32.51 15.09 5.04
N THR C 122 -32.95 14.86 6.26
CA THR C 122 -33.52 15.93 7.04
C THR C 122 -32.64 17.19 6.98
N GLY C 123 -31.35 17.04 7.29
CA GLY C 123 -30.44 18.19 7.35
C GLY C 123 -29.55 18.49 6.14
N LEU C 124 -29.81 17.81 5.01
CA LEU C 124 -28.88 17.81 3.89
C LEU C 124 -29.62 17.83 2.55
N ARG C 125 -29.45 18.92 1.82
CA ARG C 125 -30.17 19.15 0.56
C ARG C 125 -29.21 19.56 -0.56
N LEU C 126 -29.28 18.87 -1.70
CA LEU C 126 -28.40 19.14 -2.85
C LEU C 126 -29.08 20.15 -3.80
N PRO C 127 -28.30 21.02 -4.49
CA PRO C 127 -28.90 21.87 -5.52
C PRO C 127 -29.45 21.10 -6.72
N LEU C 128 -30.62 21.50 -7.21
CA LEU C 128 -31.23 20.86 -8.39
C LEU C 128 -30.41 21.29 -9.59
N GLN C 129 -29.84 20.31 -10.27
CA GLN C 129 -29.03 20.51 -11.46
C GLN C 129 -29.48 19.54 -12.55
N PRO C 130 -30.54 19.91 -13.29
CA PRO C 130 -31.06 19.05 -14.34
C PRO C 130 -29.99 18.85 -15.42
N ILE C 132 -29.04 15.90 -18.99
CA ILE C 132 -29.38 14.76 -19.83
C ILE C 132 -28.23 13.79 -19.83
N GLY C 133 -28.51 12.53 -19.51
CA GLY C 133 -27.47 11.50 -19.44
C GLY C 133 -27.21 10.75 -20.73
N VAL C 134 -28.29 10.41 -21.44
CA VAL C 134 -28.22 9.73 -22.71
C VAL C 134 -28.76 10.65 -23.82
N ILE C 135 -27.91 10.91 -24.80
CA ILE C 135 -28.30 11.66 -25.99
C ILE C 135 -27.44 11.23 -27.16
N GLY C 136 -28.07 11.04 -28.31
CA GLY C 136 -27.32 10.58 -29.45
C GLY C 136 -28.13 10.39 -30.70
N THR C 137 -27.38 10.17 -31.78
CA THR C 137 -27.90 9.95 -33.12
C THR C 137 -27.58 8.51 -33.52
N ALA C 138 -28.20 8.01 -34.59
CA ALA C 138 -27.95 6.64 -35.05
C ALA C 138 -26.55 6.43 -35.65
N PRO C 139 -25.84 5.39 -35.19
CA PRO C 139 -24.60 5.04 -35.84
C PRO C 139 -24.85 4.45 -37.22
N PRO C 140 -23.87 4.61 -38.12
CA PRO C 140 -24.07 4.15 -39.50
C PRO C 140 -24.02 2.62 -39.65
N GLY C 141 -23.35 1.93 -38.74
CA GLY C 141 -23.22 0.48 -38.85
C GLY C 141 -24.17 -0.26 -37.91
N GLU C 142 -23.62 -1.27 -37.25
CA GLU C 142 -24.38 -2.05 -36.31
C GLU C 142 -24.97 -1.17 -35.21
N PRO C 143 -26.14 -1.56 -34.71
CA PRO C 143 -26.75 -0.83 -33.61
C PRO C 143 -25.97 -1.01 -32.27
N ILE C 144 -26.07 0.00 -31.42
CA ILE C 144 -25.38 0.02 -30.13
C ILE C 144 -26.45 0.22 -29.04
N ASN C 145 -26.43 -0.58 -27.98
CA ASN C 145 -27.30 -0.30 -26.84
C ASN C 145 -27.10 1.13 -26.33
N ASN C 146 -28.17 1.71 -25.78
CA ASN C 146 -28.14 3.10 -25.26
C ASN C 146 -27.14 3.33 -24.12
N GLY C 147 -26.82 2.27 -23.38
CA GLY C 147 -25.93 2.37 -22.24
C GLY C 147 -24.45 2.45 -22.53
N THR C 148 -24.06 2.36 -23.80
CA THR C 148 -22.66 2.42 -24.18
C THR C 148 -22.48 3.68 -24.94
N PRO C 149 -21.52 4.52 -24.54
CA PRO C 149 -21.28 5.75 -25.31
C PRO C 149 -20.35 5.54 -26.51
N GLY C 150 -20.35 6.49 -27.45
CA GLY C 150 -19.49 6.44 -28.61
C GLY C 150 -19.48 7.73 -29.40
N PRO C 151 -18.96 7.70 -30.64
CA PRO C 151 -18.97 8.87 -31.54
C PRO C 151 -20.34 9.49 -31.72
N HIS C 152 -21.36 8.65 -31.63
CA HIS C 152 -22.74 9.02 -31.90
C HIS C 152 -23.43 9.67 -30.71
N GLY C 153 -22.77 9.63 -29.55
CA GLY C 153 -23.36 10.09 -28.31
C GLY C 153 -23.62 8.90 -27.43
N GLY C 154 -24.89 8.61 -27.16
CA GLY C 154 -25.26 7.57 -26.20
C GLY C 154 -25.18 7.97 -24.73
N ASN C 155 -24.72 7.03 -23.94
CA ASN C 155 -24.63 7.12 -22.48
C ASN C 155 -23.39 7.94 -22.06
N LEU C 156 -23.40 9.25 -22.35
CA LEU C 156 -22.27 10.19 -22.04
C LEU C 156 -22.14 10.66 -20.58
N ASP C 157 -23.23 10.61 -19.81
CA ASP C 157 -23.28 11.12 -18.41
C ASP C 157 -22.34 12.30 -18.12
N THR C 158 -22.55 13.36 -18.90
CA THR C 158 -21.73 14.54 -18.87
C THR C 158 -22.58 15.69 -18.29
N LYS C 159 -22.19 16.20 -17.14
CA LYS C 159 -23.04 17.12 -16.37
C LYS C 159 -23.26 18.49 -17.01
N ASP C 160 -22.42 18.83 -17.98
CA ASP C 160 -22.57 20.07 -18.71
C ASP C 160 -23.61 20.05 -19.83
N ILE C 161 -24.23 18.88 -20.07
CA ILE C 161 -25.38 18.82 -20.95
C ILE C 161 -26.57 19.12 -20.05
N LYS C 162 -26.78 20.43 -19.89
CA LYS C 162 -27.70 21.03 -18.94
C LYS C 162 -28.34 22.24 -19.63
N PRO C 163 -29.37 22.85 -19.01
CA PRO C 163 -29.97 23.97 -19.70
C PRO C 163 -28.97 25.05 -20.06
N GLY C 164 -29.14 25.67 -21.23
CA GLY C 164 -28.20 26.66 -21.70
C GLY C 164 -27.04 26.10 -22.52
N THR C 165 -26.86 24.79 -22.51
CA THR C 165 -25.83 24.15 -23.30
C THR C 165 -26.32 23.80 -24.73
N THR C 166 -25.40 23.97 -25.68
CA THR C 166 -25.54 23.44 -27.03
C THR C 166 -24.62 22.21 -27.21
N VAL C 167 -25.24 21.11 -27.61
CA VAL C 167 -24.55 19.84 -27.93
C VAL C 167 -24.46 19.62 -29.46
N TYR C 168 -23.34 19.04 -29.87
CA TYR C 168 -23.08 18.71 -31.26
C TYR C 168 -22.86 17.20 -31.39
N LEU C 169 -23.64 16.58 -32.28
CA LEU C 169 -23.59 15.13 -32.56
C LEU C 169 -23.52 14.97 -34.06
N PRO C 170 -22.97 13.83 -34.54
CA PRO C 170 -22.88 13.59 -35.97
C PRO C 170 -24.20 13.14 -36.60
N VAL C 171 -24.37 13.51 -37.87
CA VAL C 171 -25.41 12.94 -38.70
C VAL C 171 -24.68 11.92 -39.51
N GLU C 172 -24.94 10.66 -39.20
CA GLU C 172 -24.35 9.57 -39.97
C GLU C 172 -25.36 8.87 -40.87
N VAL C 173 -26.63 9.16 -40.66
CA VAL C 173 -27.69 8.60 -41.47
C VAL C 173 -28.65 9.72 -41.80
N ASP C 174 -29.37 9.54 -42.91
CA ASP C 174 -30.37 10.51 -43.31
C ASP C 174 -31.32 10.72 -42.15
N GLY C 175 -31.45 11.98 -41.78
CA GLY C 175 -32.39 12.37 -40.73
C GLY C 175 -31.82 12.33 -39.33
N ALA C 176 -30.52 11.99 -39.18
CA ALA C 176 -29.84 11.89 -37.86
C ALA C 176 -30.35 10.78 -36.94
N LEU C 177 -31.68 10.70 -36.78
CA LEU C 177 -32.34 9.81 -35.79
C LEU C 177 -31.93 10.13 -34.33
N LEU C 178 -32.35 11.30 -33.83
CA LEU C 178 -32.00 11.78 -32.49
C LEU C 178 -32.90 11.17 -31.40
N ALA C 179 -32.27 10.75 -30.31
CA ALA C 179 -33.04 10.18 -29.18
C ALA C 179 -32.34 10.60 -27.91
N LEU C 180 -33.11 10.89 -26.85
CA LEU C 180 -32.52 11.24 -25.55
C LEU C 180 -33.27 10.64 -24.37
N GLY C 181 -32.56 10.47 -23.26
CA GLY C 181 -33.16 9.97 -22.05
C GLY C 181 -32.24 10.13 -20.86
N ASP C 182 -32.54 9.38 -19.81
CA ASP C 182 -31.69 9.30 -18.62
C ASP C 182 -31.45 10.67 -18.00
N LEU C 183 -32.49 11.36 -17.56
CA LEU C 183 -32.30 12.67 -16.92
C LEU C 183 -31.85 12.45 -15.49
N HIS C 184 -31.07 13.39 -14.96
CA HIS C 184 -30.66 13.35 -13.56
C HIS C 184 -31.04 14.68 -12.95
N ALA C 185 -31.47 14.68 -11.70
CA ALA C 185 -31.70 15.94 -10.97
C ALA C 185 -30.42 16.43 -10.29
N ALA C 186 -29.46 15.50 -10.15
CA ALA C 186 -28.11 15.74 -9.63
C ALA C 186 -27.15 14.61 -10.02
N GLY C 188 -22.42 14.31 -9.93
CA GLY C 188 -21.11 14.93 -9.97
C GLY C 188 -20.22 14.31 -11.00
N ASP C 189 -19.21 15.06 -11.42
CA ASP C 189 -18.22 14.50 -12.32
C ASP C 189 -17.79 13.13 -11.79
N GLY C 190 -17.78 12.15 -12.68
CA GLY C 190 -17.37 10.80 -12.34
C GLY C 190 -18.54 9.84 -12.20
N GLU C 191 -19.68 10.33 -11.72
CA GLU C 191 -20.83 9.45 -11.45
C GLU C 191 -20.40 8.16 -10.72
N ILE C 192 -19.62 8.33 -9.65
CA ILE C 192 -18.78 7.23 -9.13
C ILE C 192 -19.49 6.02 -8.55
N LEU C 193 -20.69 6.24 -8.01
CA LEU C 193 -21.50 5.14 -7.47
C LEU C 193 -22.02 4.19 -8.55
N ILE C 194 -22.38 4.74 -9.72
CA ILE C 194 -23.04 4.03 -10.85
C ILE C 194 -24.12 4.94 -11.45
N CYS C 195 -24.75 5.78 -10.63
CA CYS C 195 -25.88 6.59 -11.02
C CYS C 195 -25.82 8.04 -10.50
N GLY C 196 -26.64 8.89 -11.11
CA GLY C 196 -27.00 10.18 -10.53
C GLY C 196 -28.32 10.02 -9.84
N VAL C 197 -28.94 11.13 -9.46
CA VAL C 197 -30.31 11.07 -8.96
C VAL C 197 -31.18 10.85 -10.20
N GLU C 198 -31.54 9.59 -10.46
CA GLU C 198 -32.30 9.21 -11.66
C GLU C 198 -33.72 9.76 -11.57
N ILE C 199 -34.20 10.37 -12.64
CA ILE C 199 -35.50 11.03 -12.62
C ILE C 199 -36.17 11.11 -14.03
N ALA C 200 -37.49 11.08 -14.08
CA ALA C 200 -38.25 11.31 -15.32
C ALA C 200 -38.37 12.79 -15.50
N GLY C 201 -38.59 13.23 -16.74
CA GLY C 201 -38.68 14.65 -17.02
C GLY C 201 -39.07 14.99 -18.44
N THR C 202 -38.95 16.28 -18.76
CA THR C 202 -39.24 16.76 -20.10
C THR C 202 -38.13 17.72 -20.52
N VAL C 203 -37.61 17.49 -21.72
CA VAL C 203 -36.53 18.26 -22.30
C VAL C 203 -37.13 19.10 -23.44
N THR C 204 -36.93 20.42 -23.40
CA THR C 204 -37.21 21.26 -24.55
C THR C 204 -35.87 21.66 -25.20
N LEU C 205 -35.77 21.42 -26.51
CA LEU C 205 -34.57 21.74 -27.25
C LEU C 205 -34.92 22.30 -28.62
N LYS C 206 -33.94 22.95 -29.23
CA LYS C 206 -34.00 23.43 -30.60
C LYS C 206 -32.92 22.71 -31.39
N VAL C 207 -33.26 22.29 -32.59
CA VAL C 207 -32.41 21.41 -33.39
C VAL C 207 -32.08 22.07 -34.74
N ASN C 208 -30.80 22.29 -34.97
CA ASN C 208 -30.32 22.91 -36.19
C ASN C 208 -29.39 21.97 -36.95
N VAL C 209 -29.48 21.95 -38.27
CA VAL C 209 -28.58 21.14 -39.09
C VAL C 209 -27.43 22.03 -39.51
N LYS C 210 -26.19 21.55 -39.37
CA LYS C 210 -24.99 22.30 -39.81
C LYS C 210 -24.22 21.46 -40.80
N LYS C 211 -23.95 22.05 -41.95
CA LYS C 211 -23.44 21.26 -43.06
C LYS C 211 -21.93 21.09 -43.01
N GLU C 212 -21.25 21.94 -42.24
CA GLU C 212 -19.79 21.84 -42.01
C GLU C 212 -19.57 21.19 -40.66
N ARG C 213 -19.04 19.99 -40.64
CA ARG C 213 -18.68 19.34 -39.39
C ARG C 213 -17.28 19.80 -38.98
N PHE C 215 -15.63 20.25 -36.00
CA PHE C 215 -14.85 19.66 -34.92
C PHE C 215 -15.18 18.21 -34.70
N PRO C 216 -14.28 17.50 -34.00
CA PRO C 216 -14.55 16.12 -33.64
C PRO C 216 -15.73 16.04 -32.68
N LEU C 217 -16.60 15.05 -32.89
CA LEU C 217 -17.81 14.88 -32.10
C LEU C 217 -17.76 13.62 -31.22
N PRO C 218 -18.56 13.58 -30.16
CA PRO C 218 -19.45 14.68 -29.66
C PRO C 218 -18.69 15.87 -29.08
N ALA C 219 -19.36 17.02 -29.01
CA ALA C 219 -18.78 18.28 -28.46
C ALA C 219 -19.91 19.09 -27.90
N LEU C 220 -19.60 20.08 -27.08
CA LEU C 220 -20.64 20.95 -26.54
C LEU C 220 -20.11 22.32 -26.22
N LYS C 221 -21.03 23.25 -26.00
CA LYS C 221 -20.70 24.62 -25.69
C LYS C 221 -21.64 25.07 -24.56
N THR C 222 -21.05 25.58 -23.46
CA THR C 222 -21.79 26.21 -22.38
C THR C 222 -21.75 27.68 -22.66
N ASP C 223 -22.26 28.48 -21.74
CA ASP C 223 -22.18 29.94 -21.89
C ASP C 223 -20.72 30.48 -21.89
N THR C 224 -19.78 29.72 -21.35
CA THR C 224 -18.41 30.18 -21.16
C THR C 224 -17.31 29.34 -21.84
N HIS C 225 -17.57 28.05 -22.06
CA HIS C 225 -16.53 27.09 -22.51
C HIS C 225 -17.00 26.23 -23.68
N PHE C 226 -16.04 25.80 -24.51
CA PHE C 226 -16.27 24.80 -25.54
C PHE C 226 -15.57 23.54 -25.08
N THR C 228 -14.62 19.25 -26.12
CA THR C 228 -14.58 18.01 -26.88
C THR C 228 -14.77 16.81 -25.99
N ILE C 229 -15.66 15.90 -26.42
CA ILE C 229 -16.01 14.70 -25.65
CA ILE C 229 -16.02 14.71 -25.64
C ILE C 229 -15.41 13.49 -26.37
N ALA C 230 -14.94 12.51 -25.59
CA ALA C 230 -14.38 11.25 -26.12
C ALA C 230 -14.66 10.11 -25.18
N SER C 231 -14.99 8.92 -25.71
CA SER C 231 -15.18 7.76 -24.86
C SER C 231 -14.23 6.67 -25.32
N ALA C 232 -13.76 5.87 -24.37
CA ALA C 232 -12.88 4.72 -24.65
C ALA C 232 -13.01 3.70 -23.54
N GLU C 233 -12.34 2.56 -23.71
CA GLU C 233 -12.35 1.48 -22.71
C GLU C 233 -11.76 1.89 -21.36
N THR C 234 -10.75 2.75 -21.41
CA THR C 234 -10.06 3.27 -20.24
C THR C 234 -10.29 4.79 -20.16
N LEU C 235 -10.37 5.35 -18.94
CA LEU C 235 -10.37 6.78 -18.74
C LEU C 235 -9.08 7.42 -19.30
N ASP C 236 -7.96 6.70 -19.21
CA ASP C 236 -6.71 7.18 -19.81
C ASP C 236 -6.91 7.42 -21.31
N ALA C 237 -7.45 6.42 -22.00
CA ALA C 237 -7.64 6.54 -23.44
C ALA C 237 -8.64 7.62 -23.80
N ALA C 238 -9.73 7.75 -23.03
CA ALA C 238 -10.72 8.78 -23.27
C ALA C 238 -10.14 10.19 -23.04
N ALA C 239 -9.36 10.35 -21.98
CA ALA C 239 -8.68 11.58 -21.67
C ALA C 239 -7.77 12.04 -22.80
N VAL C 240 -6.92 11.16 -23.27
CA VAL C 240 -6.01 11.48 -24.34
C VAL C 240 -6.78 11.85 -25.59
N GLN C 241 -7.84 11.10 -25.92
CA GLN C 241 -8.61 11.35 -27.14
C GLN C 241 -9.40 12.67 -27.13
N ALA C 242 -10.05 12.98 -26.01
CA ALA C 242 -10.71 14.29 -25.83
C ALA C 242 -9.71 15.43 -26.05
N THR C 243 -8.51 15.25 -25.51
CA THR C 243 -7.44 16.22 -25.59
C THR C 243 -6.96 16.45 -27.01
N LYS C 244 -6.62 15.34 -27.67
CA LYS C 244 -6.17 15.35 -29.05
C LYS C 244 -7.19 15.95 -29.99
N ASN C 245 -8.48 15.70 -29.71
CA ASN C 245 -9.58 16.29 -30.47
C ASN C 245 -9.61 17.79 -30.38
N ALA C 247 -6.96 19.83 -29.39
CA ALA C 247 -5.68 20.28 -29.98
C ALA C 247 -5.73 20.31 -31.50
N THR C 248 -6.34 19.30 -32.11
CA THR C 248 -6.38 19.18 -33.59
C THR C 248 -7.31 20.18 -34.18
N PHE C 249 -8.47 20.33 -33.52
CA PHE C 249 -9.45 21.35 -33.89
C PHE C 249 -8.81 22.74 -33.84
N LEU C 250 -8.19 23.07 -32.71
CA LEU C 250 -7.52 24.37 -32.48
C LEU C 250 -6.35 24.68 -33.45
N ALA C 251 -5.53 23.68 -33.74
CA ALA C 251 -4.46 23.78 -34.72
C ALA C 251 -5.01 23.91 -36.13
N ASN C 252 -5.99 23.08 -36.49
CA ASN C 252 -6.52 23.08 -37.84
C ASN C 252 -7.32 24.32 -38.22
N ARG C 253 -8.01 24.92 -37.26
CA ARG C 253 -8.88 26.06 -37.53
C ARG C 253 -8.31 27.41 -37.05
N THR C 254 -7.07 27.43 -36.56
CA THR C 254 -6.42 28.69 -36.17
C THR C 254 -4.97 28.80 -36.66
N ALA C 255 -4.43 30.01 -36.53
CA ALA C 255 -3.05 30.33 -36.89
C ALA C 255 -2.04 29.65 -35.99
N LEU C 256 -2.52 29.04 -34.90
CA LEU C 256 -1.70 28.26 -34.02
C LEU C 256 -1.21 26.97 -34.66
N SER C 257 0.06 26.68 -34.47
CA SER C 257 0.60 25.35 -34.74
C SER C 257 0.09 24.39 -33.67
N ILE C 258 0.27 23.11 -33.90
CA ILE C 258 -0.13 22.08 -32.97
C ILE C 258 0.61 22.23 -31.64
N GLU C 259 1.87 22.67 -31.69
CA GLU C 259 2.69 22.82 -30.50
C GLU C 259 2.12 24.00 -29.73
N GLU C 260 1.79 25.06 -30.45
CA GLU C 260 1.20 26.25 -29.82
C GLU C 260 -0.18 25.94 -29.24
N ALA C 261 -0.95 25.13 -29.97
CA ALA C 261 -2.25 24.66 -29.51
C ALA C 261 -2.10 23.85 -28.22
N GLY C 262 -1.18 22.89 -28.19
CA GLY C 262 -0.92 22.10 -26.97
C GLY C 262 -0.52 22.94 -25.76
N LEU C 264 -1.44 26.22 -25.24
CA LEU C 264 -2.63 26.89 -24.77
C LEU C 264 -3.51 25.93 -23.96
N LEU C 265 -3.63 24.68 -24.40
CA LEU C 265 -4.48 23.69 -23.71
C LEU C 265 -3.88 23.36 -22.35
N SER C 266 -2.57 23.16 -22.30
CA SER C 266 -1.91 22.75 -21.07
C SER C 266 -1.87 23.91 -20.06
N GLY C 267 -1.80 25.12 -20.57
CA GLY C 267 -1.72 26.29 -19.75
C GLY C 267 -3.04 26.93 -19.37
N ALA C 268 -4.07 26.81 -20.22
CA ALA C 268 -5.36 27.53 -20.02
C ALA C 268 -6.61 26.66 -20.03
N GLY C 269 -6.48 25.39 -20.41
CA GLY C 269 -7.63 24.47 -20.55
C GLY C 269 -7.62 23.40 -19.48
N ASP C 270 -8.71 22.66 -19.37
CA ASP C 270 -8.87 21.66 -18.31
C ASP C 270 -9.43 20.37 -18.87
N LEU C 271 -8.82 19.25 -18.51
CA LEU C 271 -9.40 17.96 -18.81
C LEU C 271 -10.34 17.55 -17.67
N TYR C 272 -11.57 17.22 -18.01
CA TYR C 272 -12.57 16.76 -17.03
C TYR C 272 -13.03 15.31 -17.26
N VAL C 273 -13.54 14.72 -16.18
CA VAL C 273 -14.13 13.38 -16.20
C VAL C 273 -15.62 13.53 -16.28
N SER C 274 -16.24 12.82 -17.21
CA SER C 274 -17.69 12.76 -17.23
C SER C 274 -18.17 11.61 -16.33
N GLN C 275 -17.77 10.37 -16.63
CA GLN C 275 -18.21 9.23 -15.86
C GLN C 275 -17.16 8.13 -16.05
N ILE C 276 -17.01 7.27 -15.04
CA ILE C 276 -16.09 6.13 -15.11
C ILE C 276 -16.78 4.81 -14.75
N VAL C 277 -18.07 4.70 -15.07
CA VAL C 277 -18.88 3.54 -14.61
C VAL C 277 -19.62 2.80 -15.72
N ASN C 278 -19.63 3.35 -16.93
CA ASN C 278 -20.39 2.78 -18.04
C ASN C 278 -19.51 1.82 -18.83
N PRO C 279 -20.08 1.12 -19.82
CA PRO C 279 -19.26 0.15 -20.56
C PRO C 279 -18.02 0.79 -21.23
N LEU C 280 -18.12 2.06 -21.63
CA LEU C 280 -16.91 2.83 -21.91
C LEU C 280 -16.88 4.03 -20.98
N LYS C 281 -15.69 4.51 -20.70
CA LYS C 281 -15.49 5.69 -19.88
C LYS C 281 -15.40 6.95 -20.77
N THR C 282 -15.84 8.08 -20.20
CA THR C 282 -15.99 9.33 -20.93
C THR C 282 -15.29 10.52 -20.22
N ALA C 283 -14.49 11.24 -21.01
CA ALA C 283 -13.79 12.47 -20.60
C ALA C 283 -14.13 13.60 -21.58
N ARG C 284 -13.90 14.84 -21.11
CA ARG C 284 -14.05 16.02 -21.93
C ARG C 284 -12.94 17.05 -21.65
N PHE C 285 -12.53 17.75 -22.69
CA PHE C 285 -11.50 18.77 -22.56
C PHE C 285 -12.18 20.09 -22.78
N SER C 286 -12.02 21.01 -21.84
CA SER C 286 -12.70 22.31 -21.87
C SER C 286 -11.75 23.48 -22.03
N LEU C 287 -12.08 24.43 -22.94
CA LEU C 287 -11.35 25.70 -23.11
C LEU C 287 -12.33 26.87 -23.24
N ALA C 288 -12.06 27.99 -22.58
CA ALA C 288 -12.99 29.12 -22.61
C ALA C 288 -13.20 29.65 -24.02
N LEU C 289 -14.46 29.99 -24.32
CA LEU C 289 -14.90 30.49 -25.63
C LEU C 289 -14.18 31.76 -26.12
N HIS C 290 -13.73 32.59 -25.19
CA HIS C 290 -13.08 33.86 -25.60
C HIS C 290 -11.71 33.63 -26.26
N TYR C 291 -11.07 32.50 -25.97
CA TYR C 291 -9.84 32.17 -26.69
C TYR C 291 -10.13 31.90 -28.17
N PHE C 292 -11.22 31.19 -28.45
CA PHE C 292 -11.60 30.84 -29.83
C PHE C 292 -11.99 32.05 -30.65
N GLU C 293 -12.75 32.98 -30.06
CA GLU C 293 -13.12 34.23 -30.72
C GLU C 293 -11.87 35.08 -31.04
N LYS C 294 -11.03 35.32 -30.03
CA LYS C 294 -9.80 36.11 -30.20
C LYS C 294 -8.92 35.50 -31.31
N LEU C 295 -8.98 34.19 -31.45
CA LEU C 295 -8.27 33.46 -32.50
C LEU C 295 -9.07 33.30 -33.80
N GLY C 296 -10.25 33.91 -33.84
CA GLY C 296 -11.04 34.02 -35.06
C GLY C 296 -11.93 32.85 -35.43
N VAL C 297 -12.45 32.10 -34.45
CA VAL C 297 -13.21 30.87 -34.82
C VAL C 297 -14.72 30.98 -35.16
N ASP C 298 -15.56 31.69 -34.40
CA ASP C 298 -17.00 31.81 -34.80
C ASP C 298 -17.36 33.18 -35.33
N ILE D 3 -16.19 -39.77 17.45
CA ILE D 3 -17.00 -38.55 17.64
C ILE D 3 -16.65 -37.53 16.57
N ARG D 4 -17.65 -37.09 15.80
CA ARG D 4 -17.37 -36.35 14.58
C ARG D 4 -18.16 -35.05 14.53
N LEU D 5 -17.44 -33.95 14.40
CA LEU D 5 -18.05 -32.61 14.42
C LEU D 5 -18.09 -32.09 12.99
N SER D 6 -19.29 -31.78 12.52
CA SER D 6 -19.56 -31.41 11.12
C SER D 6 -19.23 -29.93 10.82
N ASN D 7 -18.94 -29.58 9.57
CA ASN D 7 -18.56 -28.18 9.24
C ASN D 7 -19.74 -27.23 9.10
N GLU D 8 -20.92 -27.72 9.43
CA GLU D 8 -22.13 -26.92 9.46
C GLU D 8 -22.32 -26.34 10.87
N ASN D 9 -21.61 -26.93 11.83
CA ASN D 9 -21.71 -26.54 13.22
C ASN D 9 -20.51 -25.65 13.55
N THR D 10 -20.60 -24.38 13.09
CA THR D 10 -19.46 -23.42 13.16
C THR D 10 -19.75 -22.09 13.87
N ILE D 11 -18.73 -21.57 14.55
CA ILE D 11 -18.82 -20.32 15.32
C ILE D 11 -17.78 -19.32 14.79
N PHE D 12 -18.03 -18.04 15.04
CA PHE D 12 -17.19 -16.92 14.60
C PHE D 12 -16.52 -16.17 15.76
N PHE D 13 -16.98 -16.45 16.98
CA PHE D 13 -16.39 -15.93 18.22
C PHE D 13 -16.16 -17.05 19.24
N ASP D 15 -16.67 -17.83 22.58
CA ASP D 15 -17.67 -17.30 23.48
C ASP D 15 -18.12 -18.37 24.46
N LYS D 16 -18.03 -18.06 25.74
CA LYS D 16 -18.47 -18.98 26.82
C LYS D 16 -19.97 -19.30 26.77
N GLU D 17 -20.75 -18.47 26.08
CA GLU D 17 -22.18 -18.69 25.89
C GLU D 17 -22.56 -19.46 24.63
N ASN D 18 -21.56 -19.84 23.82
CA ASN D 18 -21.84 -20.72 22.68
C ASN D 18 -22.29 -22.07 23.21
N VAL D 19 -23.38 -22.58 22.66
CA VAL D 19 -23.92 -23.87 23.07
C VAL D 19 -23.05 -24.96 22.46
N PRO D 20 -22.57 -25.90 23.28
CA PRO D 20 -21.78 -27.02 22.71
C PRO D 20 -22.49 -27.84 21.64
N ILE D 21 -21.77 -28.17 20.58
CA ILE D 21 -22.32 -29.02 19.52
C ILE D 21 -22.10 -30.51 19.80
N ALA D 22 -21.12 -30.83 20.65
CA ALA D 22 -20.83 -32.20 21.02
C ALA D 22 -20.10 -32.22 22.36
N SER D 23 -20.09 -33.38 23.02
CA SER D 23 -19.27 -33.59 24.19
C SER D 23 -18.42 -34.86 24.07
N CYS D 24 -17.33 -34.87 24.83
CA CYS D 24 -16.44 -36.00 24.89
C CYS D 24 -15.93 -36.13 26.32
N GLN D 25 -15.28 -37.26 26.60
CA GLN D 25 -14.53 -37.48 27.84
C GLN D 25 -13.06 -37.17 27.59
N SER D 26 -12.30 -36.95 28.66
CA SER D 26 -10.86 -36.80 28.55
C SER D 26 -10.29 -38.10 28.01
N GLY D 27 -9.35 -38.02 27.05
CA GLY D 27 -8.77 -39.19 26.38
C GLY D 27 -9.47 -39.64 25.10
N ASP D 28 -10.64 -39.05 24.80
CA ASP D 28 -11.41 -39.37 23.60
C ASP D 28 -10.75 -38.76 22.36
N THR D 29 -10.94 -39.44 21.24
CA THR D 29 -10.52 -38.94 19.94
C THR D 29 -11.74 -38.31 19.29
N VAL D 30 -11.53 -37.14 18.72
CA VAL D 30 -12.62 -36.35 18.13
C VAL D 30 -12.18 -35.86 16.75
N ILE D 31 -13.08 -35.95 15.77
CA ILE D 31 -12.83 -35.45 14.40
C ILE D 31 -13.56 -34.13 14.19
N PHE D 32 -12.84 -33.11 13.73
CA PHE D 32 -13.41 -31.80 13.42
C PHE D 32 -13.33 -31.62 11.89
N GLU D 33 -14.48 -31.51 11.21
CA GLU D 33 -14.50 -31.07 9.81
C GLU D 33 -14.64 -29.54 9.72
N THR D 34 -13.87 -28.90 8.85
CA THR D 34 -13.78 -27.44 8.83
C THR D 34 -14.11 -26.82 7.47
N LYS D 35 -14.56 -25.58 7.45
CA LYS D 35 -14.56 -24.82 6.20
C LYS D 35 -13.22 -24.10 6.15
N ASP D 36 -12.87 -23.58 4.98
CA ASP D 36 -11.73 -22.66 4.91
C ASP D 36 -12.08 -21.31 5.57
N CYS D 37 -11.08 -20.44 5.69
CA CYS D 37 -11.25 -19.24 6.49
C CYS D 37 -12.16 -18.23 5.81
N PHE D 38 -12.47 -18.47 4.52
CA PHE D 38 -13.50 -17.71 3.79
C PHE D 38 -14.88 -18.40 3.84
N SER D 39 -15.05 -19.37 4.73
CA SER D 39 -16.24 -20.23 4.71
C SER D 39 -16.51 -20.76 3.31
N ASP D 40 -15.44 -21.10 2.58
CA ASP D 40 -15.52 -21.72 1.27
C ASP D 40 -16.26 -20.86 0.25
N GLN D 41 -16.25 -19.53 0.44
CA GLN D 41 -16.92 -18.61 -0.49
C GLN D 41 -16.15 -18.36 -1.79
N ILE D 42 -14.83 -18.44 -1.74
CA ILE D 42 -13.99 -18.14 -2.91
C ILE D 42 -13.71 -19.43 -3.65
N THR D 43 -14.27 -19.54 -4.86
CA THR D 43 -14.13 -20.78 -5.64
C THR D 43 -13.58 -20.55 -7.06
N ASN D 44 -13.22 -19.32 -7.41
CA ASN D 44 -12.57 -19.05 -8.70
C ASN D 44 -11.62 -17.86 -8.57
N GLU D 45 -10.69 -17.77 -9.53
CA GLU D 45 -9.57 -16.81 -9.48
C GLU D 45 -9.94 -15.39 -9.98
N GLU D 46 -11.12 -15.25 -10.57
CA GLU D 46 -11.61 -13.95 -10.98
C GLU D 46 -12.67 -13.45 -9.99
N GLN D 47 -12.69 -14.05 -8.81
CA GLN D 47 -13.55 -13.67 -7.71
C GLN D 47 -12.70 -12.98 -6.64
N ALA D 48 -12.99 -11.72 -6.38
CA ALA D 48 -12.15 -10.91 -5.52
C ALA D 48 -12.45 -11.15 -4.05
N LEU D 49 -11.48 -10.89 -3.18
CA LEU D 49 -11.65 -11.04 -1.74
C LEU D 49 -12.79 -10.17 -1.23
N THR D 50 -12.88 -8.93 -1.73
CA THR D 50 -13.94 -7.99 -1.35
C THR D 50 -15.35 -8.42 -1.79
N SER D 51 -15.45 -9.47 -2.60
CA SER D 51 -16.76 -9.95 -3.06
C SER D 51 -17.51 -10.84 -2.04
N ILE D 52 -16.79 -11.41 -1.07
CA ILE D 52 -17.41 -12.33 -0.11
C ILE D 52 -18.02 -11.62 1.10
N ASP D 53 -18.84 -12.35 1.86
CA ASP D 53 -19.46 -11.88 3.10
C ASP D 53 -18.40 -11.96 4.21
N PHE D 54 -17.85 -10.81 4.58
CA PHE D 54 -16.85 -10.76 5.63
C PHE D 54 -17.35 -11.10 7.04
N ASN D 55 -18.68 -11.19 7.20
CA ASN D 55 -19.29 -11.74 8.42
C ASN D 55 -19.07 -13.22 8.64
N ARG D 56 -18.59 -13.91 7.60
CA ARG D 56 -18.44 -15.36 7.63
C ARG D 56 -16.99 -15.79 7.40
N VAL D 57 -16.05 -14.90 7.71
CA VAL D 57 -14.64 -15.26 7.67
C VAL D 57 -14.27 -15.86 9.05
N ASN D 58 -13.29 -16.75 9.06
CA ASN D 58 -12.77 -17.41 10.26
C ASN D 58 -13.79 -18.18 11.05
N PRO D 59 -14.50 -19.13 10.38
CA PRO D 59 -15.39 -20.04 11.06
C PRO D 59 -14.59 -21.11 11.78
N ALA D 60 -14.92 -21.36 13.04
CA ALA D 60 -14.29 -22.40 13.80
C ALA D 60 -15.35 -23.51 14.05
N THR D 61 -14.97 -24.77 13.86
CA THR D 61 -15.89 -25.89 14.08
C THR D 61 -15.91 -26.19 15.59
N GLY D 62 -17.13 -26.33 16.14
CA GLY D 62 -17.34 -26.32 17.60
C GLY D 62 -18.50 -25.51 18.16
N PRO D 63 -18.53 -25.32 19.49
CA PRO D 63 -17.57 -25.88 20.45
C PRO D 63 -17.87 -27.30 20.96
N LEU D 64 -16.78 -28.00 21.24
CA LEU D 64 -16.76 -29.25 21.98
C LEU D 64 -16.75 -29.05 23.50
N TYR D 65 -17.68 -29.71 24.20
CA TYR D 65 -17.67 -29.80 25.68
C TYR D 65 -16.86 -31.01 26.17
N VAL D 66 -15.72 -30.73 26.80
CA VAL D 66 -14.86 -31.78 27.36
C VAL D 66 -15.21 -32.00 28.83
N GLU D 67 -15.91 -33.09 29.09
CA GLU D 67 -16.38 -33.36 30.44
C GLU D 67 -15.21 -33.65 31.35
N GLY D 68 -15.26 -33.07 32.54
CA GLY D 68 -14.20 -33.24 33.53
C GLY D 68 -13.27 -32.05 33.54
N ALA D 69 -13.40 -31.20 32.53
CA ALA D 69 -12.66 -29.95 32.43
C ALA D 69 -13.40 -28.88 33.23
N ARG D 70 -12.69 -28.26 34.17
CA ARG D 70 -13.22 -27.18 35.02
C ARG D 70 -12.30 -25.94 34.95
N ARG D 71 -12.82 -24.77 35.29
CA ARG D 71 -12.00 -23.56 35.38
C ARG D 71 -10.66 -23.91 36.07
N GLY D 72 -9.55 -23.40 35.53
CA GLY D 72 -8.21 -23.63 36.06
C GLY D 72 -7.42 -24.83 35.48
N ASP D 73 -8.13 -25.77 34.87
CA ASP D 73 -7.46 -26.90 34.19
C ASP D 73 -6.86 -26.47 32.86
N LEU D 75 -6.25 -28.12 28.66
CA LEU D 75 -6.41 -29.20 27.70
C LEU D 75 -5.04 -29.50 27.09
N GLU D 76 -4.79 -30.79 26.94
CA GLU D 76 -3.65 -31.31 26.25
C GLU D 76 -4.24 -31.94 25.00
N ILE D 77 -3.97 -31.34 23.86
CA ILE D 77 -4.59 -31.73 22.61
C ILE D 77 -3.55 -32.27 21.66
N GLU D 78 -3.63 -33.57 21.39
CA GLU D 78 -2.71 -34.21 20.47
C GLU D 78 -3.31 -34.19 19.07
N ILE D 79 -2.58 -33.58 18.12
CA ILE D 79 -3.02 -33.54 16.71
C ILE D 79 -2.51 -34.80 16.06
N LEU D 80 -3.42 -35.75 15.84
CA LEU D 80 -3.10 -37.06 15.31
C LEU D 80 -2.99 -37.01 13.78
N ASP D 81 -3.88 -36.30 13.12
CA ASP D 81 -3.89 -36.18 11.66
C ASP D 81 -4.65 -34.93 11.19
N ILE D 82 -4.23 -34.37 10.06
CA ILE D 82 -4.98 -33.33 9.34
C ILE D 82 -5.04 -33.73 7.84
N LYS D 83 -6.26 -33.94 7.34
CA LYS D 83 -6.48 -34.17 5.91
C LYS D 83 -7.13 -32.94 5.28
N VAL D 84 -6.52 -32.44 4.22
CA VAL D 84 -7.00 -31.28 3.52
C VAL D 84 -7.77 -31.70 2.26
N GLY D 85 -8.54 -30.77 1.75
CA GLY D 85 -9.18 -30.89 0.43
C GLY D 85 -8.24 -30.79 -0.77
N LYS D 86 -8.85 -30.62 -1.94
CA LYS D 86 -8.15 -30.79 -3.21
C LYS D 86 -7.53 -29.49 -3.75
N GLN D 87 -7.96 -28.36 -3.19
CA GLN D 87 -7.60 -27.06 -3.71
C GLN D 87 -7.63 -25.98 -2.62
N GLY D 88 -6.53 -25.24 -2.48
CA GLY D 88 -6.51 -24.09 -1.61
C GLY D 88 -6.52 -22.75 -2.29
N VAL D 89 -6.61 -21.68 -1.49
CA VAL D 89 -6.76 -20.31 -2.00
C VAL D 89 -5.87 -19.31 -1.27
N THR D 91 -5.19 -14.82 -1.24
CA THR D 91 -5.68 -13.53 -1.67
C THR D 91 -4.60 -12.51 -1.32
N ALA D 92 -4.26 -11.67 -2.29
CA ALA D 92 -3.40 -10.51 -2.05
C ALA D 92 -4.31 -9.29 -2.17
N ALA D 93 -4.29 -8.42 -1.16
CA ALA D 93 -5.06 -7.20 -1.18
C ALA D 93 -4.16 -6.05 -0.74
N PRO D 94 -3.95 -5.06 -1.61
CA PRO D 94 -3.27 -3.82 -1.21
C PRO D 94 -3.86 -3.26 0.07
N GLY D 95 -3.02 -2.73 0.94
CA GLY D 95 -3.46 -2.30 2.26
C GLY D 95 -3.70 -3.38 3.29
N LEU D 96 -3.50 -4.65 2.94
CA LEU D 96 -3.54 -5.69 3.93
C LEU D 96 -2.21 -6.41 3.98
N GLY D 97 -1.87 -6.81 5.21
CA GLY D 97 -0.72 -7.65 5.48
C GLY D 97 0.56 -6.87 5.50
N ALA D 98 1.67 -7.59 5.61
CA ALA D 98 2.93 -6.91 5.83
C ALA D 98 3.45 -6.15 4.59
N LEU D 99 2.92 -6.49 3.40
CA LEU D 99 3.28 -5.85 2.14
C LEU D 99 2.17 -4.90 1.64
N GLY D 100 1.24 -4.54 2.51
CA GLY D 100 0.04 -3.80 2.12
C GLY D 100 0.32 -2.60 1.23
N GLU D 101 1.32 -1.81 1.58
CA GLU D 101 1.62 -0.62 0.79
C GLU D 101 2.43 -0.93 -0.50
N SER D 102 3.00 -2.13 -0.60
CA SER D 102 3.81 -2.49 -1.76
C SER D 102 3.00 -3.19 -2.85
N LEU D 103 1.86 -3.78 -2.50
CA LEU D 103 0.99 -4.47 -3.49
C LEU D 103 0.24 -3.45 -4.35
N ASN D 104 0.00 -3.81 -5.61
CA ASN D 104 -0.66 -2.89 -6.56
C ASN D 104 -2.11 -3.27 -6.85
N SER D 105 -2.32 -4.54 -7.13
CA SER D 105 -3.63 -5.04 -7.51
C SER D 105 -4.06 -6.22 -6.64
N PRO D 106 -5.37 -6.31 -6.34
CA PRO D 106 -5.96 -7.49 -5.67
C PRO D 106 -5.86 -8.77 -6.51
N THR D 107 -5.36 -9.83 -5.92
CA THR D 107 -5.12 -11.09 -6.65
C THR D 107 -5.67 -12.27 -5.86
N THR D 108 -6.43 -13.13 -6.54
CA THR D 108 -6.89 -14.40 -6.00
C THR D 108 -6.16 -15.51 -6.80
N LYS D 109 -5.62 -16.51 -6.10
CA LYS D 109 -4.93 -17.63 -6.73
C LYS D 109 -5.47 -18.92 -6.10
N LEU D 110 -5.85 -19.88 -6.94
CA LEU D 110 -6.23 -21.23 -6.49
C LEU D 110 -5.01 -22.17 -6.59
N PHE D 111 -4.86 -23.06 -5.63
CA PHE D 111 -3.72 -23.97 -5.54
C PHE D 111 -4.21 -25.43 -5.53
N PRO D 112 -4.14 -26.14 -6.66
CA PRO D 112 -4.31 -27.59 -6.67
C PRO D 112 -3.43 -28.29 -5.64
N ILE D 113 -4.01 -29.19 -4.85
CA ILE D 113 -3.25 -30.10 -4.01
C ILE D 113 -3.12 -31.41 -4.78
N GLU D 114 -1.88 -31.77 -5.14
CA GLU D 114 -1.64 -32.96 -5.96
C GLU D 114 -0.66 -33.82 -5.23
N GLY D 115 -1.16 -34.86 -4.55
CA GLY D 115 -0.30 -35.69 -3.72
C GLY D 115 0.14 -34.89 -2.51
N ASP D 116 1.46 -34.82 -2.30
CA ASP D 116 2.01 -33.98 -1.23
C ASP D 116 2.61 -32.67 -1.75
N ASP D 117 2.12 -32.22 -2.90
CA ASP D 117 2.54 -30.96 -3.54
C ASP D 117 1.39 -29.96 -3.51
N VAL D 118 1.72 -28.72 -3.18
CA VAL D 118 0.80 -27.59 -3.26
C VAL D 118 1.23 -26.81 -4.51
N VAL D 119 0.39 -26.82 -5.54
CA VAL D 119 0.83 -26.33 -6.83
C VAL D 119 0.63 -24.82 -6.90
N TYR D 120 1.75 -24.10 -6.88
CA TYR D 120 1.80 -22.66 -7.05
C TYR D 120 1.74 -22.28 -8.54
N SER D 121 2.54 -22.95 -9.36
CA SER D 121 2.48 -22.81 -10.81
C SER D 121 3.13 -24.03 -11.41
N THR D 122 3.17 -24.08 -12.73
CA THR D 122 3.88 -25.10 -13.52
C THR D 122 5.23 -25.50 -12.90
N GLY D 123 6.09 -24.51 -12.69
CA GLY D 123 7.44 -24.74 -12.20
C GLY D 123 7.65 -24.66 -10.71
N LEU D 124 6.62 -24.31 -9.93
CA LEU D 124 6.76 -24.16 -8.48
C LEU D 124 5.73 -24.94 -7.69
N ARG D 125 6.18 -25.95 -6.97
CA ARG D 125 5.29 -26.79 -6.18
C ARG D 125 5.87 -26.75 -4.78
N LEU D 126 5.01 -26.47 -3.81
CA LEU D 126 5.44 -26.30 -2.44
C LEU D 126 5.10 -27.57 -1.71
N PRO D 127 5.83 -27.89 -0.63
CA PRO D 127 5.42 -29.03 0.20
C PRO D 127 4.05 -28.87 0.89
N LEU D 128 3.24 -29.93 0.81
CA LEU D 128 2.07 -30.07 1.64
C LEU D 128 2.46 -30.22 3.11
N GLN D 129 2.19 -29.18 3.90
CA GLN D 129 2.49 -29.12 5.34
C GLN D 129 1.21 -28.67 6.03
N PRO D 130 0.28 -29.61 6.30
CA PRO D 130 -0.98 -29.14 6.84
C PRO D 130 -0.85 -28.62 8.28
N ILE D 132 -3.14 -26.09 11.53
CA ILE D 132 -4.32 -25.44 12.09
C ILE D 132 -3.97 -24.01 12.49
N GLY D 133 -4.66 -23.07 11.88
CA GLY D 133 -4.45 -21.64 12.13
C GLY D 133 -5.19 -21.13 13.34
N VAL D 134 -6.41 -21.60 13.51
CA VAL D 134 -7.30 -21.15 14.58
C VAL D 134 -7.72 -22.30 15.50
N ILE D 135 -7.27 -22.27 16.75
CA ILE D 135 -7.61 -23.31 17.69
C ILE D 135 -7.68 -22.60 19.03
N GLY D 136 -8.72 -22.89 19.81
CA GLY D 136 -8.94 -22.10 21.03
C GLY D 136 -10.07 -22.56 21.94
N THR D 137 -10.02 -22.10 23.19
CA THR D 137 -11.06 -22.33 24.20
C THR D 137 -11.74 -20.99 24.48
N ALA D 138 -12.87 -21.03 25.20
CA ALA D 138 -13.67 -19.83 25.43
C ALA D 138 -13.05 -19.01 26.54
N PRO D 139 -12.87 -17.71 26.31
CA PRO D 139 -12.35 -16.87 27.37
C PRO D 139 -13.41 -16.71 28.45
N PRO D 140 -12.99 -16.38 29.69
CA PRO D 140 -13.94 -16.30 30.80
C PRO D 140 -14.85 -15.05 30.78
N GLY D 141 -14.35 -13.92 30.27
CA GLY D 141 -15.10 -12.67 30.17
C GLY D 141 -15.70 -12.43 28.78
N GLU D 142 -15.39 -11.28 28.17
CA GLU D 142 -16.03 -10.91 26.88
C GLU D 142 -15.61 -11.86 25.75
N PRO D 143 -16.53 -12.18 24.83
CA PRO D 143 -16.21 -12.94 23.63
C PRO D 143 -15.14 -12.27 22.77
N ILE D 144 -14.28 -13.08 22.16
CA ILE D 144 -13.20 -12.60 21.31
C ILE D 144 -13.37 -13.20 19.94
N ASN D 145 -13.39 -12.37 18.92
CA ASN D 145 -13.63 -12.87 17.57
C ASN D 145 -12.53 -13.87 17.18
N ASN D 146 -12.89 -14.88 16.39
CA ASN D 146 -11.97 -15.94 15.95
C ASN D 146 -10.72 -15.43 15.25
N GLY D 147 -10.81 -14.25 14.65
CA GLY D 147 -9.70 -13.61 13.91
C GLY D 147 -8.62 -13.02 14.79
N THR D 148 -8.87 -12.98 16.11
CA THR D 148 -7.91 -12.42 17.06
C THR D 148 -7.35 -13.50 17.98
N PRO D 149 -6.01 -13.55 18.14
CA PRO D 149 -5.39 -14.46 19.13
C PRO D 149 -5.35 -13.89 20.53
N GLY D 150 -5.11 -14.76 21.51
CA GLY D 150 -5.11 -14.40 22.93
C GLY D 150 -4.66 -15.55 23.79
N PRO D 151 -4.72 -15.37 25.13
CA PRO D 151 -4.33 -16.45 26.05
C PRO D 151 -5.15 -17.73 25.83
N HIS D 152 -6.37 -17.57 25.34
CA HIS D 152 -7.26 -18.70 25.01
C HIS D 152 -6.90 -19.45 23.71
N GLY D 153 -5.88 -18.98 23.00
CA GLY D 153 -5.61 -19.41 21.63
C GLY D 153 -6.19 -18.47 20.59
N GLY D 154 -7.08 -19.00 19.74
CA GLY D 154 -7.67 -18.26 18.63
C GLY D 154 -6.81 -18.32 17.39
N ASN D 155 -6.71 -17.18 16.72
CA ASN D 155 -5.98 -17.00 15.47
C ASN D 155 -4.46 -16.90 15.64
N LEU D 156 -3.88 -18.01 16.09
CA LEU D 156 -2.48 -18.09 16.40
C LEU D 156 -1.58 -18.19 15.15
N ASP D 157 -2.13 -18.65 14.02
CA ASP D 157 -1.34 -19.03 12.82
C ASP D 157 0.10 -19.45 13.10
N THR D 158 0.22 -20.54 13.84
CA THR D 158 1.49 -21.13 14.24
C THR D 158 1.74 -22.46 13.50
N LYS D 159 2.78 -22.46 12.67
CA LYS D 159 2.94 -23.51 11.70
C LYS D 159 3.30 -24.82 12.37
N ASP D 160 3.73 -24.75 13.63
CA ASP D 160 4.04 -25.94 14.41
C ASP D 160 2.81 -26.63 15.01
N ILE D 161 1.64 -26.00 14.84
CA ILE D 161 0.35 -26.63 15.20
C ILE D 161 -0.01 -27.49 14.00
N LYS D 162 0.53 -28.71 14.01
CA LYS D 162 0.52 -29.64 12.88
C LYS D 162 0.47 -31.10 13.39
N PRO D 163 0.33 -32.08 12.48
CA PRO D 163 0.28 -33.45 12.98
C PRO D 163 1.51 -33.83 13.82
N GLY D 164 1.28 -34.56 14.91
CA GLY D 164 2.33 -34.99 15.83
C GLY D 164 2.61 -33.98 16.96
N THR D 165 1.97 -32.82 16.88
CA THR D 165 2.10 -31.79 17.91
C THR D 165 1.00 -31.92 18.98
N THR D 166 1.37 -31.69 20.23
CA THR D 166 0.44 -31.51 21.32
C THR D 166 0.35 -30.04 21.63
N VAL D 167 -0.87 -29.54 21.69
CA VAL D 167 -1.15 -28.17 22.00
C VAL D 167 -1.75 -28.09 23.41
N TYR D 168 -1.38 -27.06 24.17
CA TYR D 168 -1.86 -26.84 25.53
C TYR D 168 -2.61 -25.52 25.56
N LEU D 169 -3.90 -25.57 25.93
CA LEU D 169 -4.77 -24.39 26.04
C LEU D 169 -5.42 -24.35 27.41
N PRO D 170 -5.84 -23.17 27.86
CA PRO D 170 -6.44 -23.06 29.19
C PRO D 170 -7.92 -23.45 29.22
N VAL D 171 -8.36 -23.95 30.36
CA VAL D 171 -9.79 -24.10 30.64
C VAL D 171 -10.17 -23.01 31.59
N GLU D 172 -10.88 -22.03 31.07
CA GLU D 172 -11.36 -20.93 31.87
C GLU D 172 -12.84 -21.05 32.19
N VAL D 173 -13.59 -21.77 31.37
CA VAL D 173 -14.99 -22.09 31.68
C VAL D 173 -15.17 -23.61 31.70
N ASP D 174 -16.12 -24.07 32.50
CA ASP D 174 -16.31 -25.51 32.65
C ASP D 174 -16.63 -26.11 31.27
N GLY D 175 -15.96 -27.22 30.95
CA GLY D 175 -16.09 -27.87 29.65
C GLY D 175 -15.13 -27.36 28.60
N ALA D 176 -14.42 -26.27 28.89
CA ALA D 176 -13.43 -25.65 27.96
C ALA D 176 -14.05 -24.95 26.77
N LEU D 177 -14.88 -25.70 26.03
CA LEU D 177 -15.44 -25.26 24.75
C LEU D 177 -14.34 -25.05 23.71
N LEU D 178 -13.77 -26.17 23.25
CA LEU D 178 -12.72 -26.18 22.24
C LEU D 178 -13.35 -25.99 20.84
N ALA D 179 -12.73 -25.15 20.01
CA ALA D 179 -13.16 -24.96 18.62
C ALA D 179 -11.90 -24.74 17.78
N LEU D 180 -11.96 -25.14 16.51
CA LEU D 180 -10.83 -24.97 15.58
C LEU D 180 -11.27 -24.82 14.14
N GLY D 181 -10.38 -24.25 13.34
CA GLY D 181 -10.61 -24.07 11.92
C GLY D 181 -9.36 -23.49 11.24
N ASP D 182 -9.59 -22.88 10.11
CA ASP D 182 -8.55 -22.15 9.38
C ASP D 182 -7.34 -23.04 9.12
N LEU D 183 -7.58 -24.18 8.49
CA LEU D 183 -6.49 -25.06 8.05
C LEU D 183 -5.71 -24.43 6.92
N HIS D 184 -4.42 -24.73 6.88
CA HIS D 184 -3.57 -24.32 5.79
C HIS D 184 -2.88 -25.51 5.18
N ALA D 185 -2.71 -25.46 3.84
CA ALA D 185 -1.93 -26.44 3.07
C ALA D 185 -0.43 -26.13 3.15
N ALA D 186 -0.12 -24.84 3.25
CA ALA D 186 1.25 -24.35 3.48
C ALA D 186 1.19 -22.93 4.07
N GLY D 188 4.41 -20.01 5.73
CA GLY D 188 5.65 -19.75 6.45
C GLY D 188 5.48 -18.90 7.70
N ASP D 189 6.48 -18.96 8.59
CA ASP D 189 6.55 -18.06 9.75
C ASP D 189 6.36 -16.58 9.30
N GLY D 190 5.47 -15.89 10.00
CA GLY D 190 5.10 -14.53 9.66
C GLY D 190 3.78 -14.39 8.93
N GLU D 191 3.44 -15.34 8.05
CA GLU D 191 2.21 -15.28 7.20
C GLU D 191 2.06 -13.90 6.51
N ILE D 192 3.16 -13.42 5.95
CA ILE D 192 3.39 -12.01 5.70
C ILE D 192 2.40 -11.35 4.73
N LEU D 193 1.78 -12.11 3.86
CA LEU D 193 0.84 -11.58 2.89
C LEU D 193 -0.43 -11.18 3.58
N ILE D 194 -0.85 -12.00 4.55
CA ILE D 194 -2.18 -11.95 5.23
C ILE D 194 -2.70 -13.37 5.42
N CYS D 195 -2.25 -14.29 4.56
CA CYS D 195 -2.84 -15.63 4.53
C CYS D 195 -1.80 -16.71 4.22
N GLY D 196 -2.12 -17.94 4.60
CA GLY D 196 -1.48 -19.12 4.08
C GLY D 196 -2.26 -19.62 2.85
N VAL D 197 -1.94 -20.83 2.41
CA VAL D 197 -2.78 -21.48 1.41
C VAL D 197 -3.98 -22.04 2.16
N GLU D 198 -5.06 -21.26 2.11
CA GLU D 198 -6.29 -21.49 2.87
C GLU D 198 -7.03 -22.69 2.33
N ILE D 199 -7.53 -23.56 3.21
CA ILE D 199 -8.14 -24.79 2.73
C ILE D 199 -9.04 -25.49 3.77
N ALA D 200 -10.07 -26.20 3.29
CA ALA D 200 -10.93 -27.01 4.14
C ALA D 200 -10.26 -28.38 4.39
N GLY D 201 -10.76 -29.09 5.40
CA GLY D 201 -10.18 -30.35 5.78
C GLY D 201 -10.86 -31.00 6.96
N THR D 202 -10.17 -32.00 7.50
CA THR D 202 -10.67 -32.77 8.63
C THR D 202 -9.50 -32.99 9.58
N VAL D 203 -9.67 -32.58 10.84
CA VAL D 203 -8.68 -32.83 11.87
C VAL D 203 -9.06 -33.95 12.85
N THR D 204 -8.15 -34.89 13.12
CA THR D 204 -8.36 -35.91 14.17
C THR D 204 -7.49 -35.57 15.35
N LEU D 205 -8.10 -35.41 16.52
CA LEU D 205 -7.32 -35.12 17.71
C LEU D 205 -7.73 -36.02 18.88
N LYS D 206 -6.84 -36.09 19.86
CA LYS D 206 -7.11 -36.70 21.15
C LYS D 206 -7.06 -35.55 22.14
N VAL D 207 -8.05 -35.52 23.03
CA VAL D 207 -8.13 -34.45 24.00
C VAL D 207 -8.05 -35.02 25.41
N ASN D 208 -7.04 -34.57 26.16
CA ASN D 208 -6.86 -34.91 27.57
C ASN D 208 -7.01 -33.70 28.51
N VAL D 209 -7.67 -33.90 29.64
CA VAL D 209 -7.84 -32.89 30.67
C VAL D 209 -6.67 -33.04 31.66
N LYS D 210 -5.88 -31.97 31.82
CA LYS D 210 -4.87 -31.90 32.86
C LYS D 210 -5.37 -31.00 33.98
N LYS D 211 -5.31 -31.54 35.19
CA LYS D 211 -5.81 -30.85 36.37
C LYS D 211 -4.82 -29.86 37.00
N GLU D 212 -3.58 -29.84 36.52
CA GLU D 212 -2.59 -28.84 36.94
C GLU D 212 -2.05 -28.11 35.71
N ARG D 213 -2.12 -26.79 35.75
CA ARG D 213 -1.60 -25.95 34.69
C ARG D 213 -0.11 -25.66 34.91
N PHE D 215 2.41 -24.58 33.10
CA PHE D 215 3.16 -23.51 32.44
C PHE D 215 2.25 -22.50 31.76
N PRO D 216 2.80 -21.32 31.36
CA PRO D 216 1.94 -20.30 30.77
C PRO D 216 1.41 -20.66 29.37
N LEU D 217 0.17 -20.29 29.10
CA LEU D 217 -0.53 -20.77 27.91
C LEU D 217 -0.83 -19.66 26.90
N PRO D 218 -1.02 -20.02 25.62
CA PRO D 218 -0.85 -21.35 25.00
C PRO D 218 0.58 -21.79 24.91
N ALA D 219 0.73 -23.08 24.73
CA ALA D 219 2.03 -23.68 24.57
C ALA D 219 1.84 -24.92 23.70
N LEU D 220 2.95 -25.49 23.23
CA LEU D 220 2.86 -26.67 22.40
C LEU D 220 4.12 -27.49 22.50
N LYS D 221 4.02 -28.75 22.11
CA LYS D 221 5.15 -29.65 22.12
C LYS D 221 5.19 -30.44 20.81
N THR D 222 6.35 -30.43 20.18
CA THR D 222 6.61 -31.27 19.03
C THR D 222 7.38 -32.52 19.49
N ASP D 223 7.82 -33.29 18.51
CA ASP D 223 8.68 -34.42 18.72
C ASP D 223 10.00 -34.08 19.42
N THR D 224 10.46 -32.83 19.30
CA THR D 224 11.83 -32.44 19.74
C THR D 224 11.89 -31.18 20.64
N HIS D 225 10.83 -30.36 20.63
CA HIS D 225 10.87 -29.04 21.26
C HIS D 225 9.58 -28.71 22.03
N PHE D 226 9.72 -27.84 23.01
CA PHE D 226 8.60 -27.31 23.75
C PHE D 226 8.58 -25.80 23.49
N THR D 228 6.53 -21.93 24.25
CA THR D 228 5.57 -20.98 24.79
C THR D 228 5.16 -19.93 23.77
N ILE D 229 3.86 -19.66 23.69
CA ILE D 229 3.25 -18.73 22.70
C ILE D 229 2.65 -17.52 23.44
N ALA D 230 2.80 -16.34 22.85
CA ALA D 230 2.17 -15.10 23.32
C ALA D 230 1.84 -14.20 22.14
N SER D 231 0.76 -13.45 22.32
CA SER D 231 0.22 -12.56 21.32
C SER D 231 0.05 -11.19 21.97
N ALA D 232 0.27 -10.16 21.16
CA ALA D 232 0.25 -8.79 21.63
C ALA D 232 0.03 -7.87 20.45
N GLU D 233 -0.18 -6.60 20.74
CA GLU D 233 -0.39 -5.62 19.70
C GLU D 233 0.85 -5.46 18.85
N THR D 234 2.03 -5.60 19.46
CA THR D 234 3.27 -5.43 18.73
C THR D 234 3.95 -6.79 18.71
N LEU D 235 4.77 -7.04 17.69
CA LEU D 235 5.67 -8.18 17.72
C LEU D 235 6.72 -8.01 18.82
N ASP D 236 7.14 -6.78 19.05
CA ASP D 236 8.08 -6.49 20.13
C ASP D 236 7.58 -7.00 21.48
N ALA D 237 6.31 -6.74 21.78
CA ALA D 237 5.70 -7.14 23.03
C ALA D 237 5.40 -8.64 23.05
N ALA D 238 4.96 -9.23 21.94
CA ALA D 238 4.64 -10.69 21.93
C ALA D 238 5.90 -11.54 22.13
N ALA D 239 6.98 -11.11 21.48
CA ALA D 239 8.31 -11.72 21.62
C ALA D 239 8.81 -11.71 23.07
N VAL D 240 8.74 -10.54 23.72
CA VAL D 240 9.16 -10.42 25.11
C VAL D 240 8.31 -11.31 26.00
N GLN D 241 6.99 -11.25 25.83
CA GLN D 241 6.12 -12.05 26.67
C GLN D 241 6.34 -13.53 26.48
N ALA D 242 6.45 -13.97 25.24
CA ALA D 242 6.74 -15.39 24.96
C ALA D 242 8.02 -15.89 25.62
N THR D 243 9.02 -15.01 25.64
CA THR D 243 10.34 -15.32 26.20
C THR D 243 10.25 -15.40 27.71
N LYS D 244 9.62 -14.38 28.32
CA LYS D 244 9.40 -14.36 29.77
C LYS D 244 8.58 -15.55 30.20
N ASN D 245 7.59 -15.94 29.40
CA ASN D 245 6.80 -17.14 29.68
C ASN D 245 7.67 -18.37 29.83
N ALA D 247 11.05 -18.47 30.41
CA ALA D 247 12.10 -18.30 31.42
C ALA D 247 11.58 -18.52 32.84
N THR D 248 10.39 -17.96 33.13
CA THR D 248 9.77 -18.10 34.42
C THR D 248 9.34 -19.55 34.68
N PHE D 249 8.84 -20.21 33.64
CA PHE D 249 8.52 -21.65 33.69
C PHE D 249 9.74 -22.52 34.02
N LEU D 250 10.80 -22.27 33.25
CA LEU D 250 12.10 -22.93 33.43
C LEU D 250 12.62 -22.68 34.84
N ALA D 251 12.62 -21.42 35.25
CA ALA D 251 13.03 -21.05 36.59
C ALA D 251 12.16 -21.73 37.68
N ASN D 252 10.85 -21.51 37.67
CA ASN D 252 9.89 -22.17 38.59
C ASN D 252 10.03 -23.66 38.79
N ARG D 253 10.07 -24.37 37.67
CA ARG D 253 10.00 -25.81 37.66
C ARG D 253 11.37 -26.49 37.72
N THR D 254 12.47 -25.74 37.68
CA THR D 254 13.80 -26.39 37.76
C THR D 254 14.72 -25.79 38.83
N ALA D 255 15.83 -26.49 39.09
CA ALA D 255 16.86 -26.03 40.01
C ALA D 255 17.60 -24.79 39.51
N LEU D 256 17.34 -24.40 38.26
CA LEU D 256 17.86 -23.17 37.67
C LEU D 256 17.29 -21.94 38.35
N SER D 257 18.13 -20.94 38.54
CA SER D 257 17.68 -19.62 38.92
C SER D 257 17.17 -18.95 37.65
N ILE D 258 16.42 -17.86 37.80
CA ILE D 258 15.94 -17.12 36.63
C ILE D 258 17.10 -16.63 35.79
N GLU D 259 18.24 -16.31 36.41
CA GLU D 259 19.40 -15.82 35.62
C GLU D 259 20.00 -16.95 34.82
N GLU D 260 20.10 -18.12 35.45
CA GLU D 260 20.58 -19.35 34.78
C GLU D 260 19.63 -19.78 33.65
N ALA D 261 18.31 -19.71 33.92
CA ALA D 261 17.29 -19.98 32.89
C ALA D 261 17.46 -19.03 31.70
N GLY D 262 17.64 -17.74 31.98
CA GLY D 262 17.93 -16.76 30.93
C GLY D 262 19.13 -17.08 30.06
N LEU D 264 20.54 -20.07 29.60
CA LEU D 264 20.17 -21.22 28.81
C LEU D 264 19.37 -20.83 27.56
N LEU D 265 18.37 -19.96 27.74
CA LEU D 265 17.49 -19.61 26.63
C LEU D 265 18.27 -18.80 25.59
N SER D 266 19.12 -17.89 26.05
CA SER D 266 19.92 -17.02 25.18
C SER D 266 20.97 -17.81 24.41
N GLY D 267 21.43 -18.93 24.96
CA GLY D 267 22.46 -19.73 24.32
C GLY D 267 21.97 -20.89 23.47
N ALA D 268 20.83 -21.45 23.85
CA ALA D 268 20.32 -22.71 23.31
C ALA D 268 18.86 -22.64 22.85
N GLY D 269 18.12 -21.59 23.24
CA GLY D 269 16.73 -21.42 22.78
C GLY D 269 16.57 -20.50 21.57
N ASP D 270 15.38 -20.53 20.96
CA ASP D 270 15.07 -19.71 19.80
C ASP D 270 13.72 -19.02 19.90
N LEU D 271 13.74 -17.72 19.67
CA LEU D 271 12.53 -16.94 19.51
C LEU D 271 12.10 -16.97 18.03
N TYR D 272 10.88 -17.39 17.79
CA TYR D 272 10.26 -17.46 16.47
C TYR D 272 9.00 -16.58 16.34
N VAL D 273 8.67 -16.25 15.10
CA VAL D 273 7.52 -15.42 14.73
C VAL D 273 6.45 -16.37 14.21
N SER D 274 5.23 -16.25 14.72
CA SER D 274 4.12 -17.03 14.20
C SER D 274 3.48 -16.26 13.04
N GLN D 275 3.00 -15.03 13.32
CA GLN D 275 2.34 -14.24 12.31
C GLN D 275 2.41 -12.80 12.73
N ILE D 276 2.57 -11.91 11.75
CA ILE D 276 2.63 -10.45 12.00
C ILE D 276 1.42 -9.71 11.38
N VAL D 277 0.33 -10.41 11.13
CA VAL D 277 -0.73 -9.84 10.27
C VAL D 277 -2.13 -9.77 10.86
N ASN D 278 -2.34 -10.39 12.02
CA ASN D 278 -3.66 -10.43 12.63
C ASN D 278 -3.81 -9.24 13.53
N PRO D 279 -5.02 -9.01 14.07
CA PRO D 279 -5.15 -7.84 14.98
C PRO D 279 -4.17 -7.87 16.17
N LEU D 280 -3.84 -9.06 16.71
CA LEU D 280 -2.66 -9.19 17.59
C LEU D 280 -1.61 -10.02 16.84
N LYS D 281 -0.34 -9.69 17.06
CA LYS D 281 0.77 -10.42 16.44
C LYS D 281 1.15 -11.55 17.37
N THR D 282 1.75 -12.62 16.83
CA THR D 282 2.03 -13.82 17.62
C THR D 282 3.49 -14.28 17.45
N ALA D 283 4.13 -14.58 18.57
CA ALA D 283 5.51 -15.13 18.62
C ALA D 283 5.54 -16.35 19.55
N ARG D 284 6.53 -17.21 19.36
CA ARG D 284 6.74 -18.36 20.22
C ARG D 284 8.25 -18.49 20.58
N PHE D 285 8.53 -18.86 21.84
CA PHE D 285 9.87 -19.18 22.26
C PHE D 285 10.02 -20.68 22.39
N SER D 286 11.10 -21.24 21.81
CA SER D 286 11.30 -22.66 21.63
C SER D 286 12.63 -23.19 22.22
N LEU D 287 12.54 -24.24 23.04
CA LEU D 287 13.67 -24.92 23.67
C LEU D 287 13.57 -26.44 23.49
N ALA D 288 14.65 -27.07 23.06
CA ALA D 288 14.65 -28.50 22.85
C ALA D 288 14.21 -29.28 24.11
N LEU D 289 13.43 -30.34 23.91
CA LEU D 289 12.97 -31.17 25.02
C LEU D 289 14.15 -31.87 25.74
N HIS D 290 15.20 -32.18 24.97
CA HIS D 290 16.49 -32.66 25.49
C HIS D 290 16.92 -31.96 26.79
N TYR D 291 16.82 -30.64 26.81
CA TYR D 291 17.22 -29.85 27.99
C TYR D 291 16.24 -30.02 29.18
N PHE D 292 14.95 -30.04 28.90
CA PHE D 292 13.95 -30.29 29.94
C PHE D 292 14.16 -31.64 30.64
N GLU D 293 14.56 -32.64 29.87
CA GLU D 293 14.78 -33.99 30.40
C GLU D 293 16.05 -33.97 31.25
N LYS D 294 17.11 -33.34 30.75
CA LYS D 294 18.34 -33.12 31.52
C LYS D 294 18.14 -32.34 32.84
N LEU D 295 17.14 -31.46 32.91
CA LEU D 295 16.79 -30.74 34.15
C LEU D 295 15.66 -31.46 34.93
N GLY D 296 15.37 -32.70 34.52
CA GLY D 296 14.41 -33.54 35.20
C GLY D 296 12.98 -33.04 35.13
N VAL D 297 12.60 -32.40 34.03
CA VAL D 297 11.24 -31.86 33.92
C VAL D 297 10.35 -32.59 32.89
N ASP D 298 9.23 -33.09 33.40
CA ASP D 298 8.12 -33.56 32.57
C ASP D 298 6.81 -33.52 33.37
#